data_6KYZ
#
_entry.id   6KYZ
#
_cell.length_a   107.335
_cell.length_b   120.846
_cell.length_c   71.508
_cell.angle_alpha   90.000
_cell.angle_beta   90.000
_cell.angle_gamma   90.000
#
_symmetry.space_group_name_H-M   'P 21 21 2'
#
loop_
_entity.id
_entity.type
_entity.pdbx_description
1 polymer 'Genome polyprotein'
2 polymer 'YDF H chain'
3 polymer 'YDF L chain'
4 water water
#
loop_
_entity_poly.entity_id
_entity_poly.type
_entity_poly.pdbx_seq_one_letter_code
_entity_poly.pdbx_strand_id
1 'polypeptide(L)'
;GSGPNTEFALSLLRKNIMTITTSKGEFTGLGIHDRVCVIPTHAQPGDDVLVNGQKIRVKDKYKLVDPENINLELTVLTLD
RNEKFRDIRGFISEDLEGVDATLVVHSNNFTNTILEVGPVTMAGLINLSSTPTNRMIRYDYATKTGQCGGVLCATGKIFG
IHVGGNGRQGFSAQLKKQYFVEKQ
;
A,D
2 'polypeptide(L)'
;SNMAQVQLLQSGGGVVQPGRSLRLSCAASGFTFSSYAMHWVRQAPGKGLEWVAVISYDGSNKYYADSVKGRFTISRDNSK
NTLYLQMNSLRAEDTAVYYCARVGKGGYDFWSGSGYMDVWGKGTTVTVSSGGGGSGGGGSGGGGS
;
B,E
3 'polypeptide(L)'
;SYVLTQPPSVSVSPGQTASITCSGDKLGDKYACWYQQKPGQSPVLVIYQDSKRPSGIPERFSGSNSGNTATLTISGTQAM
DEADYYCQAWDSSTVVFGGGTKLTVLG
;
C,F
#
# COMPACT_ATOMS: atom_id res chain seq x y z
N PRO A 4 -24.33 19.47 -2.50
CA PRO A 4 -25.43 20.41 -2.22
C PRO A 4 -25.58 20.86 -0.78
N ASN A 5 -25.36 20.00 0.23
CA ASN A 5 -25.53 20.42 1.62
C ASN A 5 -24.15 20.46 2.28
N THR A 6 -23.54 21.65 2.26
CA THR A 6 -22.17 21.80 2.69
C THR A 6 -21.96 22.84 3.77
N GLU A 7 -22.99 23.60 4.17
CA GLU A 7 -22.77 24.75 5.04
C GLU A 7 -22.15 24.32 6.37
N PHE A 8 -22.61 23.21 6.94
CA PHE A 8 -22.07 22.78 8.23
C PHE A 8 -20.63 22.31 8.08
N ALA A 9 -20.35 21.57 7.01
CA ALA A 9 -19.00 21.08 6.78
C ALA A 9 -18.05 22.24 6.53
N LEU A 10 -18.47 23.21 5.73
CA LEU A 10 -17.64 24.39 5.51
C LEU A 10 -17.42 25.17 6.80
N SER A 11 -18.45 25.27 7.65
CA SER A 11 -18.28 25.96 8.93
C SER A 11 -17.24 25.24 9.79
N LEU A 12 -17.34 23.91 9.85
CA LEU A 12 -16.36 23.11 10.58
C LEU A 12 -14.95 23.33 10.03
N LEU A 13 -14.80 23.26 8.70
CA LEU A 13 -13.50 23.46 8.08
C LEU A 13 -12.94 24.85 8.41
N ARG A 14 -13.80 25.85 8.50
CA ARG A 14 -13.27 27.19 8.73
C ARG A 14 -12.89 27.43 10.18
N LYS A 15 -13.55 26.76 11.14
CA LYS A 15 -13.28 27.10 12.53
C LYS A 15 -12.80 25.96 13.41
N ASN A 16 -12.97 24.70 13.01
CA ASN A 16 -12.68 23.60 13.92
C ASN A 16 -11.80 22.50 13.36
N ILE A 17 -11.73 22.32 12.05
CA ILE A 17 -10.99 21.21 11.47
C ILE A 17 -9.60 21.70 11.08
N MET A 18 -8.58 20.93 11.45
CA MET A 18 -7.20 21.28 11.17
C MET A 18 -6.49 20.09 10.54
N THR A 19 -5.37 20.38 9.88
CA THR A 19 -4.41 19.33 9.57
C THR A 19 -3.41 19.30 10.73
N ILE A 20 -3.32 18.16 11.41
CA ILE A 20 -2.40 17.98 12.52
C ILE A 20 -1.30 17.05 12.03
N THR A 21 -0.05 17.48 12.14
CA THR A 21 1.08 16.66 11.74
C THR A 21 1.80 16.14 12.97
N THR A 22 2.00 14.83 13.04
CA THR A 22 2.84 14.20 14.04
C THR A 22 3.97 13.49 13.33
N SER A 23 4.79 12.76 14.11
CA SER A 23 5.83 11.96 13.48
C SER A 23 5.26 10.86 12.61
N LYS A 24 3.99 10.50 12.79
CA LYS A 24 3.35 9.50 11.94
C LYS A 24 2.76 10.09 10.67
N GLY A 25 2.80 11.41 10.49
CA GLY A 25 2.28 11.99 9.26
C GLY A 25 1.15 12.97 9.51
N GLU A 26 0.37 13.27 8.47
CA GLU A 26 -0.74 14.20 8.57
C GLU A 26 -2.04 13.48 8.89
N PHE A 27 -2.83 14.10 9.76
CA PHE A 27 -4.14 13.61 10.17
C PHE A 27 -5.12 14.77 10.14
N THR A 28 -6.38 14.48 9.91
CA THR A 28 -7.39 15.48 10.19
C THR A 28 -7.61 15.53 11.69
N GLY A 29 -7.73 16.73 12.24
CA GLY A 29 -7.99 16.90 13.66
C GLY A 29 -9.20 17.79 13.84
N LEU A 30 -9.89 17.60 14.97
CA LEU A 30 -11.13 18.34 15.22
C LEU A 30 -11.02 19.07 16.56
N GLY A 31 -11.03 20.40 16.51
CA GLY A 31 -11.11 21.18 17.74
C GLY A 31 -12.53 21.12 18.31
N ILE A 32 -12.63 20.88 19.61
CA ILE A 32 -13.91 20.68 20.29
C ILE A 32 -14.38 21.92 21.02
N HIS A 33 -13.52 22.47 21.87
CA HIS A 33 -13.78 23.65 22.69
C HIS A 33 -12.46 24.06 23.31
N ASP A 34 -12.38 25.29 23.79
CA ASP A 34 -11.21 25.79 24.53
C ASP A 34 -9.98 25.50 23.68
N ARG A 35 -8.96 24.81 24.20
CA ARG A 35 -7.78 24.44 23.44
C ARG A 35 -7.74 22.93 23.25
N VAL A 36 -8.90 22.29 23.30
CA VAL A 36 -9.02 20.84 23.28
C VAL A 36 -9.38 20.40 21.87
N CYS A 37 -8.64 19.44 21.33
CA CYS A 37 -8.98 18.84 20.04
C CYS A 37 -8.82 17.33 20.15
N VAL A 38 -9.27 16.62 19.11
CA VAL A 38 -9.14 15.17 19.06
C VAL A 38 -8.44 14.77 17.78
N ILE A 39 -7.69 13.67 17.89
CA ILE A 39 -7.04 13.01 16.74
C ILE A 39 -7.06 11.51 16.97
N PRO A 40 -6.95 10.72 15.90
CA PRO A 40 -6.88 9.26 16.10
C PRO A 40 -5.68 8.91 16.97
N THR A 41 -5.88 7.97 17.88
CA THR A 41 -4.82 7.59 18.82
C THR A 41 -3.58 7.08 18.08
N HIS A 42 -3.76 6.39 16.94
CA HIS A 42 -2.58 5.88 16.26
C HIS A 42 -1.75 6.98 15.59
N ALA A 43 -2.19 8.24 15.66
CA ALA A 43 -1.33 9.35 15.26
C ALA A 43 -0.16 9.54 16.23
N GLN A 44 -0.26 9.00 17.44
CA GLN A 44 0.81 9.03 18.44
C GLN A 44 1.47 10.41 18.54
N PRO A 45 0.72 11.46 18.85
CA PRO A 45 1.33 12.79 18.98
C PRO A 45 2.38 12.82 20.07
N GLY A 46 3.42 13.64 19.85
CA GLY A 46 4.50 13.85 20.80
C GLY A 46 4.31 15.09 21.63
N ASP A 47 5.43 15.72 22.01
CA ASP A 47 5.39 16.94 22.81
C ASP A 47 5.01 18.18 22.00
N ASP A 48 5.13 18.12 20.68
CA ASP A 48 4.66 19.19 19.80
C ASP A 48 4.04 18.56 18.56
N VAL A 49 3.15 19.30 17.91
CA VAL A 49 2.57 18.88 16.64
C VAL A 49 2.62 20.08 15.71
N LEU A 50 2.34 19.85 14.43
CA LEU A 50 2.05 20.94 13.52
C LEU A 50 0.54 21.07 13.40
N VAL A 51 0.04 22.27 13.55
CA VAL A 51 -1.35 22.63 13.33
C VAL A 51 -1.38 23.49 12.09
N ASN A 52 -1.94 22.95 11.01
CA ASN A 52 -1.93 23.63 9.71
C ASN A 52 -0.53 24.13 9.38
N GLY A 53 0.47 23.30 9.67
CA GLY A 53 1.85 23.60 9.36
C GLY A 53 2.63 24.34 10.43
N GLN A 54 1.98 24.89 11.45
CA GLN A 54 2.66 25.70 12.46
C GLN A 54 2.95 24.84 13.68
N LYS A 55 4.17 24.89 14.17
CA LYS A 55 4.53 24.10 15.35
C LYS A 55 3.84 24.65 16.60
N ILE A 56 3.19 23.75 17.33
CA ILE A 56 2.40 24.09 18.51
C ILE A 56 2.72 23.07 19.58
N ARG A 57 3.03 23.55 20.78
CA ARG A 57 3.33 22.64 21.87
C ARG A 57 2.06 21.96 22.38
N VAL A 58 2.18 20.68 22.70
CA VAL A 58 1.09 19.93 23.30
C VAL A 58 1.17 20.09 24.80
N LYS A 59 0.20 20.81 25.37
CA LYS A 59 0.14 21.00 26.82
C LYS A 59 -0.25 19.71 27.53
N ASP A 60 -1.18 18.96 26.95
CA ASP A 60 -1.57 17.71 27.59
C ASP A 60 -2.13 16.76 26.53
N LYS A 61 -2.12 15.47 26.84
CA LYS A 61 -2.72 14.51 25.91
C LYS A 61 -3.09 13.24 26.68
N TYR A 62 -4.19 12.62 26.25
CA TYR A 62 -4.50 11.32 26.83
C TYR A 62 -5.39 10.51 25.90
N LYS A 63 -5.21 9.19 25.97
CA LYS A 63 -5.92 8.25 25.12
C LYS A 63 -7.21 7.83 25.79
N LEU A 64 -8.29 7.81 25.02
CA LEU A 64 -9.58 7.38 25.55
C LEU A 64 -9.66 5.86 25.51
N VAL A 65 -10.05 5.25 26.64
CA VAL A 65 -10.36 3.83 26.73
C VAL A 65 -11.68 3.70 27.46
N ASP A 66 -12.34 2.56 27.26
CA ASP A 66 -13.68 2.45 27.83
C ASP A 66 -13.59 1.85 29.24
N PRO A 67 -14.69 1.68 29.97
CA PRO A 67 -14.57 1.16 31.34
C PRO A 67 -13.96 -0.23 31.44
N GLU A 68 -13.97 -1.03 30.36
CA GLU A 68 -13.31 -2.33 30.37
C GLU A 68 -11.89 -2.26 29.86
N ASN A 69 -11.30 -1.07 29.80
CA ASN A 69 -9.93 -0.85 29.35
C ASN A 69 -9.75 -1.18 27.86
N ILE A 70 -10.83 -1.09 27.08
CA ILE A 70 -10.75 -1.31 25.64
C ILE A 70 -10.50 0.02 24.94
N ASN A 71 -9.55 0.01 23.99
CA ASN A 71 -9.24 1.17 23.16
C ASN A 71 -10.50 1.78 22.56
N LEU A 72 -10.61 3.11 22.61
CA LEU A 72 -11.62 3.83 21.85
C LEU A 72 -11.02 4.58 20.66
N GLU A 73 -9.69 4.60 20.54
CA GLU A 73 -8.95 5.11 19.38
C GLU A 73 -9.03 6.63 19.24
N LEU A 74 -9.43 7.34 20.28
CA LEU A 74 -9.40 8.80 20.29
C LEU A 74 -8.35 9.27 21.28
N THR A 75 -7.54 10.25 20.88
CA THR A 75 -6.64 10.92 21.80
C THR A 75 -7.05 12.39 21.87
N VAL A 76 -7.21 12.88 23.09
CA VAL A 76 -7.63 14.25 23.36
C VAL A 76 -6.38 15.05 23.67
N LEU A 77 -6.11 16.08 22.85
CA LEU A 77 -4.96 16.96 22.97
C LEU A 77 -5.39 18.33 23.48
N THR A 78 -4.62 18.87 24.40
CA THR A 78 -4.75 20.27 24.80
C THR A 78 -3.54 21.01 24.26
N LEU A 79 -3.80 22.02 23.43
CA LEU A 79 -2.78 22.72 22.65
C LEU A 79 -2.38 23.97 23.41
N ASP A 80 -1.07 24.22 23.43
CA ASP A 80 -0.50 25.45 24.02
C ASP A 80 -0.60 26.59 23.02
N ARG A 81 -1.84 27.03 22.80
CA ARG A 81 -2.10 28.14 21.89
C ARG A 81 -3.19 29.03 22.49
N ASN A 82 -3.09 30.33 22.18
CA ASN A 82 -4.00 31.31 22.78
C ASN A 82 -5.41 31.21 22.21
N GLU A 83 -5.55 31.02 20.90
CA GLU A 83 -6.87 30.98 20.28
C GLU A 83 -7.66 29.78 20.79
N LYS A 84 -8.93 30.01 21.11
CA LYS A 84 -9.84 28.96 21.51
C LYS A 84 -10.67 28.50 20.33
N PHE A 85 -11.03 27.23 20.33
CA PHE A 85 -11.88 26.69 19.28
C PHE A 85 -13.30 27.15 19.50
N ARG A 86 -14.01 27.38 18.40
CA ARG A 86 -15.45 27.56 18.48
C ARG A 86 -16.05 26.31 19.10
N ASP A 87 -16.92 26.49 20.10
CA ASP A 87 -17.44 25.37 20.89
C ASP A 87 -18.44 24.57 20.05
N ILE A 88 -18.11 23.33 19.73
CA ILE A 88 -19.01 22.47 18.98
C ILE A 88 -19.55 21.32 19.83
N ARG A 89 -19.38 21.36 21.16
CA ARG A 89 -19.84 20.26 21.99
C ARG A 89 -21.34 20.02 21.82
N GLY A 90 -22.11 21.10 21.61
CA GLY A 90 -23.55 20.95 21.47
C GLY A 90 -23.99 20.22 20.21
N PHE A 91 -23.10 20.03 19.24
CA PHE A 91 -23.46 19.30 18.03
C PHE A 91 -23.16 17.81 18.13
N ILE A 92 -22.42 17.37 19.14
CA ILE A 92 -22.10 15.94 19.24
C ILE A 92 -23.39 15.16 19.44
N SER A 93 -23.57 14.12 18.64
CA SER A 93 -24.82 13.39 18.57
C SER A 93 -24.56 11.90 18.54
N GLU A 94 -25.35 11.14 19.29
CA GLU A 94 -25.33 9.68 19.20
C GLU A 94 -26.50 9.20 18.37
N ASP A 95 -27.18 10.14 17.75
CA ASP A 95 -28.44 9.99 17.06
C ASP A 95 -28.06 9.63 15.61
N LEU A 96 -27.51 8.43 15.44
CA LEU A 96 -26.79 8.14 14.21
C LEU A 96 -27.37 7.01 13.38
N GLU A 97 -28.24 6.17 13.95
CA GLU A 97 -28.67 4.96 13.26
C GLU A 97 -29.42 5.30 11.98
N GLY A 98 -28.90 4.81 10.85
CA GLY A 98 -29.49 4.98 9.54
C GLY A 98 -29.38 6.37 8.94
N VAL A 99 -28.65 7.29 9.55
CA VAL A 99 -28.50 8.65 9.03
C VAL A 99 -27.52 8.63 7.87
N ASP A 100 -27.80 9.38 6.81
CA ASP A 100 -26.83 9.54 5.72
C ASP A 100 -25.77 10.53 6.16
N ALA A 101 -24.58 10.04 6.39
CA ALA A 101 -23.54 10.85 7.00
C ALA A 101 -22.49 11.24 5.96
N THR A 102 -21.68 12.18 6.38
CA THR A 102 -20.62 12.78 5.59
C THR A 102 -19.31 12.67 6.36
N LEU A 103 -18.22 12.47 5.64
CA LEU A 103 -16.88 12.61 6.20
C LEU A 103 -16.27 13.89 5.66
N VAL A 104 -15.79 14.74 6.56
CA VAL A 104 -15.09 15.98 6.19
C VAL A 104 -13.61 15.77 6.49
N VAL A 105 -12.79 15.82 5.45
CA VAL A 105 -11.39 15.44 5.54
C VAL A 105 -10.54 16.64 5.18
N HIS A 106 -9.43 16.80 5.91
CA HIS A 106 -8.50 17.89 5.63
C HIS A 106 -7.09 17.45 5.98
N SER A 107 -6.54 16.51 5.18
CA SER A 107 -5.21 15.99 5.42
C SER A 107 -4.69 15.33 4.15
N ASN A 108 -3.36 15.33 4.00
CA ASN A 108 -2.68 14.57 2.94
C ASN A 108 -3.27 15.00 1.59
N ASN A 109 -3.64 14.06 0.72
CA ASN A 109 -4.16 14.37 -0.60
C ASN A 109 -5.66 14.52 -0.60
N PHE A 110 -6.29 14.68 0.58
CA PHE A 110 -7.72 14.97 0.68
C PHE A 110 -7.93 16.15 1.63
N THR A 111 -7.60 17.34 1.14
CA THR A 111 -7.92 18.59 1.82
C THR A 111 -9.23 19.13 1.25
N ASN A 112 -9.94 19.92 2.06
CA ASN A 112 -11.23 20.49 1.67
C ASN A 112 -12.15 19.43 1.07
N THR A 113 -12.15 18.24 1.66
CA THR A 113 -12.77 17.08 1.04
C THR A 113 -14.04 16.70 1.80
N ILE A 114 -15.11 16.45 1.05
CA ILE A 114 -16.41 16.07 1.60
C ILE A 114 -16.82 14.75 0.92
N LEU A 115 -17.06 13.71 1.72
CA LEU A 115 -17.42 12.38 1.24
C LEU A 115 -18.80 12.01 1.75
N GLU A 116 -19.66 11.54 0.85
CA GLU A 116 -21.02 11.16 1.23
C GLU A 116 -21.01 9.66 1.52
N VAL A 117 -20.81 9.30 2.79
CA VAL A 117 -20.53 7.88 3.06
C VAL A 117 -21.80 7.06 3.23
N GLY A 118 -22.97 7.68 3.24
CA GLY A 118 -24.22 6.95 3.31
C GLY A 118 -24.62 6.61 4.73
N PRO A 119 -25.54 5.65 4.87
CA PRO A 119 -26.04 5.31 6.21
C PRO A 119 -24.93 4.74 7.09
N VAL A 120 -25.02 5.06 8.37
CA VAL A 120 -24.02 4.62 9.34
C VAL A 120 -24.72 3.81 10.42
N THR A 121 -23.95 2.92 11.05
CA THR A 121 -24.50 2.14 12.14
C THR A 121 -23.40 1.83 13.15
N MET A 122 -23.80 1.55 14.38
CA MET A 122 -22.85 1.17 15.41
C MET A 122 -22.45 -0.28 15.17
N ALA A 123 -21.17 -0.50 14.89
CA ALA A 123 -20.65 -1.86 14.74
C ALA A 123 -20.17 -2.44 16.05
N GLY A 124 -19.82 -1.60 17.00
CA GLY A 124 -19.38 -2.11 18.30
C GLY A 124 -17.87 -2.35 18.32
N LEU A 125 -17.46 -3.57 18.65
CA LEU A 125 -16.05 -3.93 18.78
C LEU A 125 -15.50 -4.42 17.45
N ILE A 126 -14.38 -3.84 17.06
CA ILE A 126 -13.71 -4.17 15.81
C ILE A 126 -12.24 -4.43 16.13
N ASN A 127 -11.62 -5.34 15.39
CA ASN A 127 -10.17 -5.51 15.45
C ASN A 127 -9.56 -4.43 14.54
N LEU A 128 -9.07 -3.34 15.12
CA LEU A 128 -8.56 -2.21 14.34
C LEU A 128 -7.03 -2.26 14.34
N SER A 129 -6.45 -2.71 13.22
CA SER A 129 -5.00 -2.91 13.12
C SER A 129 -4.46 -3.62 14.35
N SER A 130 -5.10 -4.73 14.70
CA SER A 130 -4.72 -5.64 15.77
C SER A 130 -4.94 -5.07 17.16
N THR A 131 -5.66 -3.95 17.28
CA THR A 131 -6.07 -3.48 18.60
C THR A 131 -7.59 -3.57 18.70
N PRO A 132 -8.13 -4.41 19.58
CA PRO A 132 -9.59 -4.40 19.80
C PRO A 132 -10.03 -3.00 20.20
N THR A 133 -11.05 -2.50 19.50
CA THR A 133 -11.48 -1.11 19.64
C THR A 133 -13.00 -1.07 19.69
N ASN A 134 -13.54 -0.37 20.67
CA ASN A 134 -14.98 -0.37 20.90
C ASN A 134 -15.63 0.91 20.39
N ARG A 135 -16.97 0.92 20.41
CA ARG A 135 -17.80 2.06 20.01
C ARG A 135 -17.51 2.49 18.57
N MET A 136 -17.30 1.51 17.70
CA MET A 136 -17.03 1.80 16.30
C MET A 136 -18.32 1.98 15.52
N ILE A 137 -18.35 3.03 14.69
CA ILE A 137 -19.42 3.34 13.75
C ILE A 137 -18.95 2.97 12.35
N ARG A 138 -19.75 2.22 11.63
CA ARG A 138 -19.41 1.74 10.30
C ARG A 138 -20.23 2.36 9.15
N TYR A 139 -19.60 2.47 7.99
CA TYR A 139 -20.15 2.93 6.73
C TYR A 139 -19.56 2.11 5.60
N ASP A 140 -20.35 1.88 4.58
CA ASP A 140 -19.93 1.17 3.40
C ASP A 140 -19.48 2.24 2.43
N TYR A 141 -18.20 2.48 2.42
CA TYR A 141 -17.64 3.52 1.57
C TYR A 141 -16.14 3.29 1.48
N ALA A 142 -15.59 3.60 0.32
CA ALA A 142 -14.16 3.43 0.10
C ALA A 142 -13.41 4.60 0.73
N THR A 143 -12.65 4.33 1.78
CA THR A 143 -11.83 5.37 2.38
C THR A 143 -10.36 5.11 2.04
N LYS A 144 -9.52 6.12 2.32
CA LYS A 144 -8.16 6.12 1.83
C LYS A 144 -7.17 6.39 2.96
N THR A 145 -5.93 5.91 2.77
CA THR A 145 -4.89 6.09 3.77
C THR A 145 -4.75 7.54 4.23
N GLY A 146 -4.91 8.49 3.32
CA GLY A 146 -4.66 9.86 3.76
C GLY A 146 -5.75 10.54 4.58
N GLN A 147 -6.86 9.85 4.88
CA GLN A 147 -8.06 10.50 5.43
C GLN A 147 -8.25 10.28 6.92
N CYS A 148 -7.32 9.64 7.61
CA CYS A 148 -7.51 9.36 9.04
C CYS A 148 -7.73 10.66 9.79
N GLY A 149 -8.72 10.63 10.69
CA GLY A 149 -9.14 11.81 11.41
C GLY A 149 -10.37 12.49 10.84
N GLY A 150 -10.83 12.07 9.66
CA GLY A 150 -11.99 12.70 9.03
C GLY A 150 -13.20 12.78 9.94
N VAL A 151 -13.93 13.88 9.88
CA VAL A 151 -15.01 14.13 10.82
C VAL A 151 -16.31 13.57 10.25
N LEU A 152 -16.89 12.60 10.95
CA LEU A 152 -18.15 11.99 10.56
C LEU A 152 -19.30 12.82 11.15
N CYS A 153 -20.17 13.32 10.26
CA CYS A 153 -21.11 14.35 10.65
C CYS A 153 -22.30 14.36 9.71
N ALA A 154 -23.29 15.18 10.07
CA ALA A 154 -24.41 15.51 9.22
C ALA A 154 -24.79 16.94 9.58
N THR A 155 -25.80 17.48 8.92
CA THR A 155 -26.14 18.88 9.19
C THR A 155 -26.42 19.07 10.68
N GLY A 156 -25.59 19.90 11.33
CA GLY A 156 -25.76 20.18 12.74
C GLY A 156 -25.48 19.03 13.68
N LYS A 157 -24.82 17.96 13.23
CA LYS A 157 -24.55 16.81 14.07
C LYS A 157 -23.12 16.31 13.82
N ILE A 158 -22.41 16.00 14.89
CA ILE A 158 -21.06 15.42 14.80
C ILE A 158 -21.12 14.06 15.47
N PHE A 159 -20.80 13.00 14.71
CA PHE A 159 -20.92 11.64 15.21
C PHE A 159 -19.61 11.02 15.65
N GLY A 160 -18.51 11.35 14.97
CA GLY A 160 -17.29 10.62 15.28
C GLY A 160 -16.14 11.02 14.40
N ILE A 161 -15.06 10.24 14.49
CA ILE A 161 -13.79 10.52 13.83
C ILE A 161 -13.34 9.27 13.09
N HIS A 162 -13.03 9.41 11.80
CA HIS A 162 -12.61 8.26 11.01
C HIS A 162 -11.24 7.78 11.45
N VAL A 163 -11.10 6.47 11.74
CA VAL A 163 -9.86 5.93 12.27
C VAL A 163 -9.36 4.70 11.52
N GLY A 164 -10.09 4.20 10.53
CA GLY A 164 -9.58 3.03 9.84
C GLY A 164 -10.58 2.53 8.84
N GLY A 165 -10.12 1.60 8.00
CA GLY A 165 -10.98 1.06 6.98
C GLY A 165 -10.19 0.07 6.15
N ASN A 166 -10.90 -0.57 5.21
CA ASN A 166 -10.28 -1.60 4.39
C ASN A 166 -10.57 -1.43 2.90
N GLY A 167 -11.10 -0.27 2.49
CA GLY A 167 -11.45 -0.03 1.10
C GLY A 167 -12.87 -0.35 0.73
N ARG A 168 -13.57 -1.17 1.52
CA ARG A 168 -14.99 -1.41 1.34
C ARG A 168 -15.83 -0.86 2.48
N GLN A 169 -15.34 -0.95 3.71
CA GLN A 169 -16.02 -0.40 4.87
C GLN A 169 -15.05 0.48 5.63
N GLY A 170 -15.58 1.57 6.17
CA GLY A 170 -14.78 2.47 6.98
C GLY A 170 -15.36 2.55 8.39
N PHE A 171 -14.53 2.98 9.35
CA PHE A 171 -14.91 2.95 10.77
C PHE A 171 -14.50 4.25 11.43
N SER A 172 -15.43 4.82 12.21
CA SER A 172 -15.19 5.99 13.03
C SER A 172 -15.28 5.62 14.51
N ALA A 173 -14.42 6.24 15.31
CA ALA A 173 -14.59 6.26 16.77
C ALA A 173 -15.70 7.23 17.14
N GLN A 174 -16.66 6.75 17.92
CA GLN A 174 -17.80 7.59 18.30
C GLN A 174 -17.32 8.75 19.16
N LEU A 175 -17.87 9.92 18.92
CA LEU A 175 -17.70 11.05 19.82
C LEU A 175 -18.93 11.15 20.71
N LYS A 176 -18.71 11.45 22.00
CA LYS A 176 -19.80 11.64 22.95
C LYS A 176 -19.56 12.91 23.73
N LYS A 177 -20.65 13.61 24.05
CA LYS A 177 -20.53 14.81 24.89
C LYS A 177 -19.85 14.48 26.21
N GLN A 178 -20.06 13.28 26.74
CA GLN A 178 -19.50 12.88 28.04
C GLN A 178 -17.99 12.73 28.02
N TYR A 179 -17.35 12.76 26.85
CA TYR A 179 -15.90 12.75 26.79
C TYR A 179 -15.28 14.09 27.15
N PHE A 180 -16.09 15.15 27.22
CA PHE A 180 -15.58 16.50 27.34
C PHE A 180 -16.26 17.18 28.51
N VAL A 181 -15.65 18.27 28.97
CA VAL A 181 -16.27 19.09 30.00
C VAL A 181 -17.68 19.41 29.56
N GLU A 182 -18.64 19.33 30.49
CA GLU A 182 -20.03 19.60 30.16
C GLU A 182 -20.23 21.03 29.69
N LYS A 183 -21.06 21.20 28.67
CA LYS A 183 -21.39 22.51 28.12
C LYS A 183 -22.88 22.79 28.21
N GLN B 5 -34.55 15.79 -16.69
CA GLN B 5 -34.58 17.17 -16.23
C GLN B 5 -33.17 17.75 -16.13
N VAL B 6 -32.23 16.99 -15.59
CA VAL B 6 -30.86 17.47 -15.46
C VAL B 6 -30.23 17.53 -16.83
N GLN B 7 -29.75 18.71 -17.22
CA GLN B 7 -29.28 18.96 -18.57
C GLN B 7 -28.07 19.89 -18.57
N LEU B 8 -27.10 19.57 -19.43
CA LEU B 8 -26.00 20.45 -19.78
C LEU B 8 -26.08 20.68 -21.29
N LEU B 9 -26.61 21.82 -21.72
CA LEU B 9 -26.83 22.11 -23.12
C LEU B 9 -25.66 22.94 -23.64
N GLN B 10 -24.86 22.36 -24.53
CA GLN B 10 -23.65 23.01 -25.00
C GLN B 10 -23.92 23.76 -26.29
N SER B 11 -23.14 24.81 -26.51
CA SER B 11 -23.21 25.54 -27.78
C SER B 11 -21.84 26.08 -28.13
N GLY B 12 -21.71 26.47 -29.39
CA GLY B 12 -20.48 27.02 -29.91
C GLY B 12 -19.76 25.98 -30.73
N GLY B 13 -18.52 26.29 -31.04
CA GLY B 13 -17.69 25.39 -31.81
C GLY B 13 -17.72 25.67 -33.29
N GLY B 14 -17.12 24.74 -34.04
CA GLY B 14 -17.02 24.88 -35.47
C GLY B 14 -15.57 24.90 -35.92
N VAL B 15 -15.34 25.37 -37.14
CA VAL B 15 -14.00 25.51 -37.70
C VAL B 15 -13.45 26.87 -37.34
N VAL B 16 -12.19 26.91 -36.90
CA VAL B 16 -11.59 28.17 -36.49
C VAL B 16 -10.15 28.22 -36.98
N GLN B 17 -9.70 29.44 -37.34
CA GLN B 17 -8.34 29.57 -37.84
C GLN B 17 -7.36 29.64 -36.67
N PRO B 18 -6.17 29.07 -36.82
CA PRO B 18 -5.18 29.08 -35.72
C PRO B 18 -4.87 30.50 -35.29
N GLY B 19 -4.51 30.62 -34.00
CA GLY B 19 -4.23 31.90 -33.40
C GLY B 19 -5.46 32.66 -32.97
N ARG B 20 -6.65 32.26 -33.41
CA ARG B 20 -7.87 33.00 -33.12
C ARG B 20 -8.55 32.43 -31.89
N SER B 21 -9.70 33.02 -31.56
CA SER B 21 -10.41 32.69 -30.32
C SER B 21 -11.79 32.12 -30.68
N LEU B 22 -12.32 31.31 -29.77
CA LEU B 22 -13.65 30.75 -29.93
C LEU B 22 -14.17 30.48 -28.52
N ARG B 23 -15.43 30.79 -28.28
CA ARG B 23 -16.02 30.55 -26.97
C ARG B 23 -16.99 29.39 -27.03
N LEU B 24 -16.78 28.41 -26.15
CA LEU B 24 -17.74 27.35 -25.93
C LEU B 24 -18.59 27.72 -24.73
N SER B 25 -19.88 27.38 -24.78
CA SER B 25 -20.74 27.70 -23.66
C SER B 25 -21.59 26.49 -23.30
N CYS B 26 -22.10 26.51 -22.08
CA CYS B 26 -22.99 25.46 -21.60
C CYS B 26 -24.05 26.09 -20.71
N ALA B 27 -25.31 25.74 -20.97
CA ALA B 27 -26.45 26.15 -20.16
C ALA B 27 -26.89 24.96 -19.30
N ALA B 28 -26.88 25.13 -17.99
CA ALA B 28 -27.23 24.08 -17.06
C ALA B 28 -28.68 24.22 -16.60
N SER B 29 -29.38 23.10 -16.47
CA SER B 29 -30.74 23.17 -15.96
C SER B 29 -31.07 21.89 -15.21
N GLY B 30 -32.05 21.98 -14.33
CA GLY B 30 -32.50 20.83 -13.58
C GLY B 30 -31.73 20.53 -12.32
N PHE B 31 -30.80 21.39 -11.93
CA PHE B 31 -30.05 21.19 -10.69
C PHE B 31 -29.53 22.54 -10.24
N THR B 32 -29.01 22.58 -9.01
CA THR B 32 -28.52 23.83 -8.44
C THR B 32 -27.09 24.07 -8.91
N PHE B 33 -26.98 24.74 -10.05
CA PHE B 33 -25.70 24.93 -10.73
C PHE B 33 -24.64 25.52 -9.82
N SER B 34 -25.02 26.50 -9.01
CA SER B 34 -24.08 27.23 -8.16
C SER B 34 -23.45 26.36 -7.06
N SER B 35 -23.91 25.12 -6.89
CA SER B 35 -23.36 24.24 -5.86
C SER B 35 -22.29 23.29 -6.39
N TYR B 36 -22.00 23.30 -7.70
CA TYR B 36 -21.16 22.28 -8.29
C TYR B 36 -19.96 22.88 -9.01
N ALA B 37 -18.79 22.26 -8.79
CA ALA B 37 -17.67 22.49 -9.69
C ALA B 37 -17.97 21.94 -11.08
N MET B 38 -17.36 22.53 -12.09
CA MET B 38 -17.57 22.12 -13.48
C MET B 38 -16.23 21.94 -14.16
N HIS B 39 -16.15 20.93 -15.05
CA HIS B 39 -14.94 20.68 -15.81
C HIS B 39 -15.22 20.78 -17.29
N TRP B 40 -14.17 21.08 -18.04
CA TRP B 40 -14.11 20.83 -19.48
C TRP B 40 -13.12 19.69 -19.71
N VAL B 41 -13.53 18.77 -20.59
CA VAL B 41 -12.79 17.57 -20.94
C VAL B 41 -12.84 17.49 -22.45
N ARG B 42 -11.74 17.11 -23.09
CA ARG B 42 -11.77 17.08 -24.55
C ARG B 42 -11.27 15.73 -25.07
N GLN B 43 -11.56 15.48 -26.35
CA GLN B 43 -11.25 14.21 -26.98
C GLN B 43 -10.87 14.47 -28.42
N ALA B 44 -9.58 14.38 -28.72
CA ALA B 44 -9.09 14.57 -30.07
C ALA B 44 -9.50 13.38 -30.94
N PRO B 45 -9.54 13.58 -32.27
CA PRO B 45 -10.06 12.51 -33.14
C PRO B 45 -9.29 11.21 -32.93
N GLY B 46 -10.03 10.13 -32.67
CA GLY B 46 -9.47 8.82 -32.39
C GLY B 46 -8.60 8.71 -31.14
N LYS B 47 -8.64 9.71 -30.26
CA LYS B 47 -7.86 9.71 -29.02
C LYS B 47 -8.81 9.60 -27.82
N GLY B 48 -8.22 9.62 -26.63
CA GLY B 48 -8.96 9.43 -25.40
C GLY B 48 -9.41 10.75 -24.78
N LEU B 49 -10.14 10.62 -23.67
CA LEU B 49 -10.57 11.79 -22.92
C LEU B 49 -9.36 12.45 -22.25
N GLU B 50 -9.33 13.79 -22.29
CA GLU B 50 -8.23 14.56 -21.71
C GLU B 50 -8.82 15.70 -20.90
N TRP B 51 -8.46 15.78 -19.62
CA TRP B 51 -8.91 16.88 -18.78
C TRP B 51 -8.36 18.21 -19.31
N VAL B 52 -9.22 19.24 -19.34
CA VAL B 52 -8.86 20.55 -19.88
C VAL B 52 -8.85 21.61 -18.79
N ALA B 53 -9.95 21.75 -18.05
CA ALA B 53 -10.00 22.84 -17.08
C ALA B 53 -11.08 22.58 -16.06
N VAL B 54 -10.95 23.27 -14.92
CA VAL B 54 -11.93 23.20 -13.85
C VAL B 54 -12.19 24.59 -13.32
N ILE B 55 -13.44 24.82 -12.89
CA ILE B 55 -13.82 25.99 -12.13
C ILE B 55 -14.64 25.54 -10.93
N SER B 56 -14.29 26.05 -9.76
CA SER B 56 -14.96 25.65 -8.53
C SER B 56 -16.37 26.23 -8.49
N TYR B 57 -17.16 25.79 -7.50
CA TYR B 57 -18.60 26.06 -7.49
C TYR B 57 -18.91 27.55 -7.53
N ASP B 58 -18.14 28.37 -6.82
CA ASP B 58 -18.41 29.80 -6.78
C ASP B 58 -17.54 30.60 -7.75
N GLY B 59 -16.77 29.92 -8.60
CA GLY B 59 -15.91 30.60 -9.55
C GLY B 59 -14.62 31.15 -8.99
N SER B 60 -14.34 30.94 -7.70
CA SER B 60 -13.16 31.52 -7.08
C SER B 60 -11.87 30.79 -7.42
N ASN B 61 -11.93 29.51 -7.77
CA ASN B 61 -10.73 28.73 -8.08
C ASN B 61 -10.84 28.20 -9.50
N LYS B 62 -9.75 28.32 -10.25
CA LYS B 62 -9.68 27.84 -11.63
C LYS B 62 -8.35 27.13 -11.84
N TYR B 63 -8.40 25.98 -12.52
CA TYR B 63 -7.17 25.29 -12.89
C TYR B 63 -7.25 24.83 -14.34
N TYR B 64 -6.09 24.73 -14.98
CA TYR B 64 -6.00 24.41 -16.40
C TYR B 64 -4.96 23.34 -16.65
N ALA B 65 -5.23 22.47 -17.62
CA ALA B 65 -4.22 21.52 -18.05
C ALA B 65 -3.02 22.26 -18.65
N ASP B 66 -1.84 21.66 -18.50
CA ASP B 66 -0.64 22.29 -19.04
C ASP B 66 -0.80 22.63 -20.51
N SER B 67 -1.53 21.78 -21.24
CA SER B 67 -1.67 21.98 -22.68
C SER B 67 -2.42 23.27 -23.05
N VAL B 68 -3.23 23.82 -22.16
CA VAL B 68 -4.00 25.03 -22.48
C VAL B 68 -3.75 26.18 -21.52
N LYS B 69 -3.02 25.96 -20.43
CA LYS B 69 -2.69 27.01 -19.49
C LYS B 69 -1.94 28.13 -20.20
N GLY B 70 -2.28 29.37 -19.87
CA GLY B 70 -1.70 30.50 -20.54
C GLY B 70 -2.37 30.87 -21.85
N ARG B 71 -3.38 30.10 -22.28
CA ARG B 71 -4.14 30.47 -23.47
C ARG B 71 -5.65 30.49 -23.20
N PHE B 72 -6.21 29.43 -22.60
CA PHE B 72 -7.65 29.34 -22.40
C PHE B 72 -8.03 29.97 -21.06
N THR B 73 -9.29 30.44 -20.99
CA THR B 73 -9.86 30.88 -19.71
C THR B 73 -11.20 30.21 -19.51
N ILE B 74 -11.49 29.86 -18.26
CA ILE B 74 -12.77 29.28 -17.87
C ILE B 74 -13.53 30.29 -17.02
N SER B 75 -14.85 30.33 -17.17
CA SER B 75 -15.62 31.25 -16.34
C SER B 75 -17.03 30.71 -16.20
N ARG B 76 -17.78 31.28 -15.26
CA ARG B 76 -19.14 30.83 -15.04
C ARG B 76 -19.99 32.02 -14.58
N ASP B 77 -21.29 31.91 -14.82
CA ASP B 77 -22.28 32.89 -14.38
C ASP B 77 -23.34 32.10 -13.61
N ASN B 78 -23.25 32.17 -12.28
CA ASN B 78 -24.14 31.41 -11.42
C ASN B 78 -25.52 32.04 -11.31
N SER B 79 -25.70 33.24 -11.83
CA SER B 79 -27.03 33.81 -11.93
C SER B 79 -27.73 33.37 -13.20
N LYS B 80 -26.96 33.12 -14.26
CA LYS B 80 -27.56 32.65 -15.50
C LYS B 80 -27.30 31.18 -15.76
N ASN B 81 -26.78 30.44 -14.78
CA ASN B 81 -26.57 29.00 -14.89
C ASN B 81 -25.75 28.66 -16.14
N THR B 82 -24.73 29.46 -16.41
CA THR B 82 -23.93 29.24 -17.60
C THR B 82 -22.45 29.02 -17.27
N LEU B 83 -21.80 28.21 -18.10
CA LEU B 83 -20.38 27.91 -18.00
C LEU B 83 -19.75 28.23 -19.33
N TYR B 84 -18.52 28.75 -19.32
CA TYR B 84 -17.84 29.14 -20.55
C TYR B 84 -16.41 28.61 -20.55
N LEU B 85 -15.95 28.27 -21.75
CA LEU B 85 -14.54 28.01 -22.03
C LEU B 85 -14.15 28.93 -23.19
N GLN B 86 -13.40 29.97 -22.89
CA GLN B 86 -12.88 30.87 -23.90
C GLN B 86 -11.55 30.30 -24.39
N MET B 87 -11.48 29.88 -25.65
CA MET B 87 -10.29 29.26 -26.22
C MET B 87 -9.58 30.34 -27.00
N ASN B 88 -8.34 30.66 -26.61
CA ASN B 88 -7.56 31.68 -27.28
C ASN B 88 -6.30 31.05 -27.86
N SER B 89 -5.70 31.77 -28.81
CA SER B 89 -4.44 31.37 -29.43
C SER B 89 -4.51 29.91 -29.86
N LEU B 90 -5.57 29.60 -30.59
CA LEU B 90 -5.87 28.22 -30.93
C LEU B 90 -4.77 27.62 -31.80
N ARG B 91 -4.53 26.33 -31.60
CA ARG B 91 -3.54 25.58 -32.33
C ARG B 91 -4.16 24.29 -32.87
N ALA B 92 -3.49 23.70 -33.86
CA ALA B 92 -4.02 22.49 -34.49
C ALA B 92 -4.32 21.42 -33.46
N GLU B 93 -3.47 21.29 -32.44
CA GLU B 93 -3.64 20.26 -31.44
C GLU B 93 -4.82 20.51 -30.49
N ASP B 94 -5.49 21.67 -30.58
CA ASP B 94 -6.73 21.88 -29.83
C ASP B 94 -7.94 21.25 -30.53
N THR B 95 -7.78 20.78 -31.77
CA THR B 95 -8.90 20.15 -32.47
C THR B 95 -9.40 18.96 -31.66
N ALA B 96 -10.69 18.97 -31.32
CA ALA B 96 -11.25 17.94 -30.45
C ALA B 96 -12.74 18.18 -30.28
N VAL B 97 -13.42 17.16 -29.78
CA VAL B 97 -14.75 17.34 -29.19
C VAL B 97 -14.56 17.77 -27.74
N TYR B 98 -15.24 18.85 -27.34
CA TYR B 98 -15.14 19.40 -25.99
C TYR B 98 -16.45 19.13 -25.26
N TYR B 99 -16.37 18.47 -24.11
CA TYR B 99 -17.49 18.21 -23.21
C TYR B 99 -17.37 19.06 -21.97
N CYS B 100 -18.47 19.54 -21.46
CA CYS B 100 -18.47 20.03 -20.09
C CYS B 100 -19.16 19.00 -19.21
N ALA B 101 -18.79 18.99 -17.94
CA ALA B 101 -19.26 17.94 -17.05
C ALA B 101 -19.33 18.48 -15.62
N ARG B 102 -20.31 17.97 -14.89
CA ARG B 102 -20.59 18.37 -13.52
C ARG B 102 -19.91 17.40 -12.55
N VAL B 103 -19.35 17.94 -11.47
CA VAL B 103 -18.70 17.12 -10.45
C VAL B 103 -19.75 16.53 -9.52
N GLY B 104 -19.74 15.20 -9.37
CA GLY B 104 -20.75 14.54 -8.57
C GLY B 104 -20.56 14.77 -7.08
N LYS B 105 -21.67 14.71 -6.34
CA LYS B 105 -21.66 15.04 -4.91
C LYS B 105 -21.29 13.86 -4.02
N GLY B 106 -21.01 12.68 -4.57
CA GLY B 106 -20.67 11.54 -3.74
C GLY B 106 -19.34 11.68 -3.01
N GLY B 107 -18.46 12.54 -3.49
CA GLY B 107 -17.17 12.75 -2.86
C GLY B 107 -16.32 13.68 -3.70
N TYR B 108 -15.80 14.75 -3.13
CA TYR B 108 -15.19 15.80 -3.94
C TYR B 108 -14.34 16.70 -3.06
N ASP B 109 -13.51 17.50 -3.70
CA ASP B 109 -12.77 18.60 -3.07
C ASP B 109 -13.42 19.89 -3.54
N PHE B 110 -14.11 20.60 -2.64
CA PHE B 110 -14.86 21.78 -3.08
C PHE B 110 -13.95 22.97 -3.37
N TRP B 111 -12.70 22.92 -2.93
CA TRP B 111 -11.78 24.03 -3.17
C TRP B 111 -11.15 23.93 -4.56
N SER B 112 -10.57 22.76 -4.86
CA SER B 112 -9.95 22.54 -6.16
C SER B 112 -10.95 22.13 -7.23
N GLY B 113 -12.14 21.70 -6.84
CA GLY B 113 -13.08 21.16 -7.81
C GLY B 113 -12.80 19.75 -8.25
N SER B 114 -11.79 19.09 -7.68
CA SER B 114 -11.50 17.72 -8.08
C SER B 114 -12.62 16.78 -7.63
N GLY B 115 -12.83 15.74 -8.44
CA GLY B 115 -13.91 14.80 -8.17
C GLY B 115 -14.14 13.95 -9.42
N TYR B 116 -15.28 13.25 -9.42
CA TYR B 116 -15.72 12.50 -10.59
C TYR B 116 -16.87 13.25 -11.25
N MET B 117 -17.19 12.89 -12.49
CA MET B 117 -18.07 13.71 -13.33
C MET B 117 -19.34 12.92 -13.62
N ASP B 118 -20.47 13.33 -13.06
CA ASP B 118 -21.64 12.47 -13.14
C ASP B 118 -22.66 12.90 -14.18
N VAL B 119 -22.51 14.08 -14.77
CA VAL B 119 -23.39 14.56 -15.83
C VAL B 119 -22.51 15.19 -16.90
N TRP B 120 -22.72 14.80 -18.16
CA TRP B 120 -21.90 15.30 -19.27
C TRP B 120 -22.78 15.97 -20.31
N GLY B 121 -22.28 17.06 -20.89
CA GLY B 121 -22.92 17.62 -22.07
C GLY B 121 -22.72 16.74 -23.29
N LYS B 122 -23.45 17.06 -24.37
CA LYS B 122 -23.39 16.26 -25.59
C LYS B 122 -22.08 16.44 -26.35
N GLY B 123 -21.34 17.51 -26.11
CA GLY B 123 -20.06 17.66 -26.78
C GLY B 123 -20.16 18.62 -27.95
N THR B 124 -19.10 19.39 -28.16
CA THR B 124 -19.03 20.43 -29.18
C THR B 124 -17.74 20.23 -29.96
N THR B 125 -17.84 20.10 -31.29
CA THR B 125 -16.66 19.85 -32.10
C THR B 125 -15.96 21.16 -32.44
N VAL B 126 -14.65 21.23 -32.16
CA VAL B 126 -13.81 22.36 -32.51
C VAL B 126 -12.72 21.86 -33.44
N THR B 127 -12.66 22.43 -34.64
CA THR B 127 -11.64 22.04 -35.62
C THR B 127 -10.78 23.25 -35.95
N VAL B 128 -9.49 23.18 -35.63
CA VAL B 128 -8.58 24.26 -35.95
C VAL B 128 -7.93 24.00 -37.31
N SER B 129 -8.11 24.94 -38.24
CA SER B 129 -7.74 24.77 -39.64
C SER B 129 -6.23 25.04 -39.83
N SER B 130 -5.43 24.16 -39.24
CA SER B 130 -3.98 24.31 -39.26
C SER B 130 -3.34 22.93 -39.28
N GLY B 131 -2.15 22.85 -39.89
CA GLY B 131 -1.38 21.62 -39.87
C GLY B 131 -0.29 21.68 -38.81
N SER C 1 3.89 14.92 -14.45
CA SER C 1 2.66 14.44 -15.06
C SER C 1 2.31 13.05 -14.53
N TYR C 2 1.17 12.96 -13.85
CA TYR C 2 0.64 11.70 -13.35
C TYR C 2 -0.04 10.93 -14.49
N VAL C 3 0.41 9.69 -14.73
CA VAL C 3 -0.03 8.92 -15.90
C VAL C 3 -0.84 7.71 -15.44
N LEU C 4 -1.99 7.49 -16.08
CA LEU C 4 -2.80 6.31 -15.84
C LEU C 4 -2.80 5.43 -17.09
N THR C 5 -2.47 4.15 -16.91
CA THR C 5 -2.31 3.22 -18.03
C THR C 5 -3.47 2.23 -18.05
N GLN C 6 -4.01 1.99 -19.23
CA GLN C 6 -5.02 0.96 -19.45
C GLN C 6 -4.60 0.07 -20.60
N PRO C 7 -5.00 -1.20 -20.60
CA PRO C 7 -4.78 -2.03 -21.78
C PRO C 7 -5.60 -1.52 -22.94
N PRO C 8 -5.08 -1.61 -24.16
CA PRO C 8 -5.78 -1.01 -25.30
C PRO C 8 -7.12 -1.67 -25.61
N SER C 9 -7.23 -2.97 -25.41
CA SER C 9 -8.46 -3.61 -25.86
C SER C 9 -8.73 -4.86 -25.04
N VAL C 10 -10.02 -5.12 -24.83
CA VAL C 10 -10.50 -6.35 -24.22
C VAL C 10 -11.65 -6.86 -25.09
N SER C 11 -11.72 -8.19 -25.29
CA SER C 11 -12.83 -8.75 -26.04
C SER C 11 -13.36 -9.99 -25.32
N VAL C 12 -14.69 -10.08 -25.20
CA VAL C 12 -15.33 -11.29 -24.65
C VAL C 12 -16.63 -11.53 -25.41
N SER C 13 -17.10 -12.78 -25.35
CA SER C 13 -18.41 -13.13 -25.90
C SER C 13 -19.48 -12.90 -24.83
N PRO C 14 -20.75 -12.72 -25.24
CA PRO C 14 -21.81 -12.43 -24.27
C PRO C 14 -21.88 -13.48 -23.16
N GLY C 15 -22.07 -13.01 -21.93
CA GLY C 15 -22.15 -13.89 -20.78
C GLY C 15 -20.83 -14.13 -20.08
N GLN C 16 -19.71 -13.83 -20.73
CA GLN C 16 -18.42 -13.98 -20.08
C GLN C 16 -18.16 -12.78 -19.16
N THR C 17 -17.17 -12.93 -18.28
CA THR C 17 -16.76 -11.85 -17.42
C THR C 17 -15.65 -11.07 -18.11
N ALA C 18 -15.82 -9.76 -18.20
CA ALA C 18 -14.79 -8.90 -18.77
C ALA C 18 -14.12 -8.16 -17.63
N SER C 19 -12.79 -8.03 -17.71
CA SER C 19 -12.03 -7.37 -16.67
C SER C 19 -11.15 -6.32 -17.32
N ILE C 20 -11.36 -5.05 -16.95
CA ILE C 20 -10.64 -3.91 -17.51
C ILE C 20 -9.91 -3.21 -16.38
N THR C 21 -8.60 -3.02 -16.53
CA THR C 21 -7.85 -2.41 -15.43
C THR C 21 -7.28 -1.06 -15.83
N CYS C 22 -6.91 -0.31 -14.81
CA CYS C 22 -6.19 0.95 -14.97
C CYS C 22 -5.15 1.03 -13.87
N SER C 23 -3.93 1.45 -14.21
CA SER C 23 -2.87 1.47 -13.20
C SER C 23 -2.16 2.82 -13.17
N GLY C 24 -1.77 3.23 -11.97
CA GLY C 24 -0.90 4.39 -11.81
C GLY C 24 -0.30 4.37 -10.42
N ASP C 25 0.75 5.17 -10.23
CA ASP C 25 1.45 5.19 -8.94
C ASP C 25 0.48 5.53 -7.81
N LYS C 26 0.39 4.64 -6.83
CA LYS C 26 -0.49 4.81 -5.66
C LYS C 26 -1.92 5.18 -6.04
N LEU C 27 -2.42 4.58 -7.12
CA LEU C 27 -3.82 4.80 -7.50
C LEU C 27 -4.77 4.40 -6.38
N GLY C 28 -4.39 3.39 -5.58
CA GLY C 28 -5.23 2.93 -4.49
C GLY C 28 -5.42 3.95 -3.38
N ASP C 29 -4.58 4.97 -3.34
CA ASP C 29 -4.72 6.08 -2.40
C ASP C 29 -5.54 7.23 -2.97
N LYS C 30 -6.01 7.11 -4.20
CA LYS C 30 -6.90 8.07 -4.85
C LYS C 30 -8.23 7.38 -5.12
N TYR C 31 -9.20 8.15 -5.62
CA TYR C 31 -10.47 7.55 -6.02
C TYR C 31 -10.47 7.26 -7.51
N ALA C 32 -10.99 6.09 -7.88
CA ALA C 32 -11.14 5.68 -9.26
C ALA C 32 -12.62 5.71 -9.64
N CYS C 33 -12.90 6.23 -10.83
CA CYS C 33 -14.22 6.12 -11.40
C CYS C 33 -14.10 5.67 -12.85
N TRP C 34 -15.20 5.23 -13.42
CA TRP C 34 -15.22 4.62 -14.75
C TRP C 34 -16.36 5.19 -15.57
N TYR C 35 -16.05 5.48 -16.85
CA TYR C 35 -16.98 6.01 -17.84
C TYR C 35 -17.05 5.04 -19.03
N GLN C 36 -18.27 4.88 -19.53
CA GLN C 36 -18.55 4.12 -20.74
C GLN C 36 -18.85 5.12 -21.84
N GLN C 37 -18.24 4.94 -23.00
CA GLN C 37 -18.49 5.83 -24.13
C GLN C 37 -18.71 5.01 -25.39
N LYS C 38 -19.91 5.12 -25.95
CA LYS C 38 -20.27 4.48 -27.20
C LYS C 38 -20.03 5.42 -28.38
N PRO C 39 -19.87 4.88 -29.58
CA PRO C 39 -19.55 5.73 -30.74
C PRO C 39 -20.52 6.89 -30.91
N GLY C 40 -19.97 8.08 -31.07
CA GLY C 40 -20.78 9.27 -31.28
C GLY C 40 -21.58 9.71 -30.09
N GLN C 41 -21.25 9.25 -28.89
CA GLN C 41 -21.98 9.62 -27.68
C GLN C 41 -21.02 10.19 -26.65
N SER C 42 -21.60 10.89 -25.68
CA SER C 42 -20.86 11.39 -24.54
C SER C 42 -20.55 10.25 -23.57
N PRO C 43 -19.49 10.39 -22.77
CA PRO C 43 -19.23 9.41 -21.72
C PRO C 43 -20.39 9.35 -20.73
N VAL C 44 -20.58 8.16 -20.14
CA VAL C 44 -21.58 7.92 -19.11
C VAL C 44 -20.88 7.31 -17.92
N LEU C 45 -21.10 7.88 -16.73
CA LEU C 45 -20.49 7.35 -15.51
C LEU C 45 -21.11 5.99 -15.18
N VAL C 46 -20.28 4.96 -15.00
CA VAL C 46 -20.77 3.66 -14.61
C VAL C 46 -20.30 3.26 -13.21
N ILE C 47 -19.14 3.75 -12.76
CA ILE C 47 -18.68 3.45 -11.40
C ILE C 47 -18.06 4.73 -10.84
N TYR C 48 -18.35 5.05 -9.58
CA TYR C 48 -17.72 6.21 -8.95
C TYR C 48 -17.25 5.86 -7.55
N GLN C 49 -16.26 6.61 -7.06
CA GLN C 49 -15.68 6.37 -5.73
C GLN C 49 -15.31 4.89 -5.54
N ASP C 50 -14.54 4.38 -6.51
CA ASP C 50 -13.99 3.03 -6.57
C ASP C 50 -15.02 1.98 -6.94
N SER C 51 -16.19 2.02 -6.30
CA SER C 51 -17.06 0.85 -6.30
C SER C 51 -18.56 1.15 -6.34
N LYS C 52 -18.97 2.42 -6.33
CA LYS C 52 -20.39 2.74 -6.28
C LYS C 52 -20.99 2.80 -7.68
N ARG C 53 -22.24 2.32 -7.81
CA ARG C 53 -22.95 2.33 -9.09
C ARG C 53 -24.00 3.43 -9.08
N PRO C 54 -24.00 4.36 -10.03
CA PRO C 54 -25.13 5.29 -10.15
C PRO C 54 -26.41 4.51 -10.42
N SER C 55 -27.54 5.10 -10.01
CA SER C 55 -28.83 4.49 -10.32
C SER C 55 -29.00 4.38 -11.82
N GLY C 56 -29.60 3.27 -12.27
CA GLY C 56 -29.76 3.02 -13.68
C GLY C 56 -28.61 2.25 -14.32
N ILE C 57 -27.50 2.08 -13.60
CA ILE C 57 -26.38 1.32 -14.15
C ILE C 57 -26.57 -0.15 -13.76
N PRO C 58 -26.49 -1.08 -14.72
CA PRO C 58 -26.74 -2.49 -14.40
C PRO C 58 -25.80 -3.04 -13.33
N GLU C 59 -26.34 -3.95 -12.52
CA GLU C 59 -25.57 -4.52 -11.43
C GLU C 59 -24.39 -5.36 -11.91
N ARG C 60 -24.35 -5.76 -13.19
CA ARG C 60 -23.20 -6.52 -13.65
C ARG C 60 -21.91 -5.71 -13.65
N PHE C 61 -21.98 -4.38 -13.58
CA PHE C 61 -20.78 -3.55 -13.48
C PHE C 61 -20.35 -3.44 -12.02
N SER C 62 -19.10 -3.75 -11.73
CA SER C 62 -18.57 -3.53 -10.39
C SER C 62 -17.15 -2.98 -10.49
N GLY C 63 -16.69 -2.38 -9.41
CA GLY C 63 -15.37 -1.75 -9.42
C GLY C 63 -14.61 -2.04 -8.14
N SER C 64 -13.29 -2.03 -8.27
CA SER C 64 -12.41 -2.12 -7.11
C SER C 64 -11.18 -1.27 -7.37
N ASN C 65 -10.43 -0.98 -6.30
CA ASN C 65 -9.25 -0.13 -6.43
C ASN C 65 -8.34 -0.45 -5.27
N SER C 66 -7.13 -0.91 -5.55
CA SER C 66 -6.21 -1.29 -4.49
C SER C 66 -4.78 -1.24 -5.02
N GLY C 67 -3.86 -0.88 -4.14
CA GLY C 67 -2.46 -0.87 -4.55
C GLY C 67 -2.26 0.16 -5.64
N ASN C 68 -1.87 -0.27 -6.83
CA ASN C 68 -1.71 0.65 -7.95
C ASN C 68 -2.74 0.42 -9.05
N THR C 69 -3.78 -0.38 -8.81
CA THR C 69 -4.66 -0.77 -9.91
C THR C 69 -6.13 -0.71 -9.51
N ALA C 70 -6.92 -0.08 -10.36
CA ALA C 70 -8.37 -0.11 -10.29
C ALA C 70 -8.89 -1.06 -11.36
N THR C 71 -9.96 -1.78 -11.04
CA THR C 71 -10.51 -2.79 -11.93
C THR C 71 -12.01 -2.59 -12.09
N LEU C 72 -12.45 -2.53 -13.34
CA LEU C 72 -13.85 -2.56 -13.70
C LEU C 72 -14.16 -3.97 -14.17
N THR C 73 -15.12 -4.63 -13.52
CA THR C 73 -15.50 -5.98 -13.88
C THR C 73 -16.92 -5.96 -14.40
N ILE C 74 -17.16 -6.59 -15.55
CA ILE C 74 -18.51 -6.78 -16.06
C ILE C 74 -18.81 -8.27 -15.96
N SER C 75 -19.71 -8.63 -15.04
CA SER C 75 -19.99 -10.03 -14.73
C SER C 75 -21.19 -10.47 -15.56
N GLY C 76 -20.93 -11.09 -16.71
CA GLY C 76 -22.02 -11.45 -17.60
C GLY C 76 -22.17 -10.37 -18.64
N THR C 77 -21.15 -10.21 -19.47
CA THR C 77 -21.10 -9.09 -20.42
C THR C 77 -22.20 -9.22 -21.47
N GLN C 78 -22.83 -8.09 -21.78
CA GLN C 78 -23.91 -8.03 -22.76
C GLN C 78 -23.44 -7.33 -24.02
N ALA C 79 -24.13 -7.62 -25.14
CA ALA C 79 -23.75 -7.04 -26.41
C ALA C 79 -23.72 -5.52 -26.33
N MET C 80 -24.68 -4.93 -25.62
CA MET C 80 -24.74 -3.47 -25.53
C MET C 80 -23.63 -2.87 -24.68
N ASP C 81 -22.79 -3.69 -24.03
CA ASP C 81 -21.68 -3.16 -23.26
C ASP C 81 -20.48 -2.82 -24.13
N GLU C 82 -20.51 -3.20 -25.42
CA GLU C 82 -19.43 -2.84 -26.33
C GLU C 82 -19.29 -1.32 -26.38
N ALA C 83 -18.09 -0.83 -26.08
CA ALA C 83 -17.86 0.59 -25.87
C ALA C 83 -16.40 0.78 -25.50
N ASP C 84 -15.97 2.03 -25.43
CA ASP C 84 -14.68 2.35 -24.83
C ASP C 84 -14.91 2.66 -23.37
N TYR C 85 -14.00 2.21 -22.51
CA TYR C 85 -14.11 2.45 -21.07
C TYR C 85 -12.89 3.25 -20.62
N TYR C 86 -13.14 4.31 -19.85
CA TYR C 86 -12.10 5.19 -19.35
C TYR C 86 -12.12 5.20 -17.84
N CYS C 87 -10.96 4.99 -17.23
CA CYS C 87 -10.81 5.23 -15.81
C CYS C 87 -10.37 6.68 -15.58
N GLN C 88 -10.81 7.24 -14.47
CA GLN C 88 -10.36 8.58 -14.09
C GLN C 88 -10.06 8.55 -12.61
N ALA C 89 -8.92 9.13 -12.24
CA ALA C 89 -8.54 9.26 -10.85
C ALA C 89 -8.78 10.69 -10.37
N TRP C 90 -9.11 10.82 -9.08
CA TRP C 90 -9.10 12.11 -8.44
C TRP C 90 -8.62 12.03 -7.00
N ASP C 91 -7.92 13.09 -6.62
CA ASP C 91 -7.74 13.50 -5.22
C ASP C 91 -7.64 15.02 -5.25
N SER C 92 -7.29 15.63 -4.12
CA SER C 92 -7.35 17.10 -4.04
C SER C 92 -6.60 17.75 -5.20
N SER C 93 -5.46 17.18 -5.58
CA SER C 93 -4.60 17.79 -6.59
C SER C 93 -4.66 17.06 -7.94
N THR C 94 -5.59 16.12 -8.13
CA THR C 94 -5.51 15.22 -9.27
C THR C 94 -6.86 15.05 -9.92
N VAL C 95 -6.93 15.31 -11.23
CA VAL C 95 -8.01 14.82 -12.09
C VAL C 95 -7.33 14.33 -13.36
N VAL C 96 -7.30 13.01 -13.58
CA VAL C 96 -6.54 12.45 -14.69
C VAL C 96 -7.32 11.28 -15.29
N PHE C 97 -7.44 11.24 -16.62
CA PHE C 97 -8.08 10.13 -17.30
C PHE C 97 -7.04 9.14 -17.80
N GLY C 98 -7.32 7.86 -17.65
CA GLY C 98 -6.54 6.84 -18.33
C GLY C 98 -6.78 6.85 -19.82
N GLY C 99 -5.95 6.11 -20.55
CA GLY C 99 -5.95 6.16 -22.01
C GLY C 99 -7.13 5.45 -22.66
N GLY C 100 -7.90 4.70 -21.91
CA GLY C 100 -9.08 4.06 -22.47
C GLY C 100 -8.82 2.63 -22.91
N THR C 101 -9.87 1.82 -22.85
CA THR C 101 -9.83 0.42 -23.26
C THR C 101 -11.02 0.19 -24.17
N LYS C 102 -10.80 -0.34 -25.37
CA LYS C 102 -11.89 -0.70 -26.26
C LYS C 102 -12.42 -2.09 -25.91
N LEU C 103 -13.67 -2.18 -25.49
CA LEU C 103 -14.32 -3.46 -25.20
C LEU C 103 -15.17 -3.84 -26.40
N THR C 104 -14.81 -4.96 -27.03
CA THR C 104 -15.58 -5.56 -28.11
C THR C 104 -16.31 -6.77 -27.57
N VAL C 105 -17.60 -6.89 -27.87
CA VAL C 105 -18.40 -8.03 -27.43
C VAL C 105 -18.74 -8.83 -28.69
N LEU C 106 -18.22 -10.05 -28.81
CA LEU C 106 -18.42 -10.77 -30.06
C LEU C 106 -18.66 -12.26 -29.82
N GLY C 107 -19.50 -12.84 -30.67
CA GLY C 107 -19.68 -14.29 -30.76
C GLY C 107 -19.83 -15.07 -29.47
N PHE D 8 27.94 -19.83 -7.36
CA PHE D 8 27.38 -19.16 -8.53
C PHE D 8 26.42 -18.04 -8.12
N ALA D 9 25.52 -18.33 -7.17
CA ALA D 9 24.52 -17.33 -6.76
C ALA D 9 25.16 -16.18 -5.99
N LEU D 10 25.97 -16.50 -4.99
CA LEU D 10 26.74 -15.47 -4.30
C LEU D 10 27.70 -14.78 -5.27
N SER D 11 28.23 -15.54 -6.24
CA SER D 11 29.08 -14.94 -7.25
C SER D 11 28.34 -13.88 -8.03
N LEU D 12 27.11 -14.17 -8.44
CA LEU D 12 26.25 -13.18 -9.10
C LEU D 12 26.09 -11.96 -8.22
N LEU D 13 25.74 -12.19 -6.94
CA LEU D 13 25.52 -11.07 -6.03
C LEU D 13 26.74 -10.18 -5.93
N ARG D 14 27.92 -10.77 -5.87
CA ARG D 14 29.12 -9.96 -5.70
C ARG D 14 29.62 -9.37 -7.01
N LYS D 15 29.29 -9.95 -8.16
CA LYS D 15 29.93 -9.47 -9.37
C LYS D 15 29.04 -8.83 -10.44
N ASN D 16 27.73 -9.10 -10.50
CA ASN D 16 26.93 -8.51 -11.57
C ASN D 16 25.63 -7.87 -11.10
N ILE D 17 25.24 -8.09 -9.85
CA ILE D 17 23.98 -7.56 -9.34
C ILE D 17 24.24 -6.23 -8.68
N MET D 18 23.41 -5.23 -9.01
CA MET D 18 23.53 -3.87 -8.51
C MET D 18 22.20 -3.39 -7.96
N THR D 19 22.26 -2.34 -7.15
CA THR D 19 21.08 -1.53 -6.88
C THR D 19 21.11 -0.36 -7.87
N ILE D 20 20.08 -0.25 -8.71
CA ILE D 20 19.98 0.87 -9.64
C ILE D 20 18.84 1.76 -9.17
N THR D 21 19.12 3.05 -9.04
CA THR D 21 18.11 4.01 -8.63
C THR D 21 17.71 4.88 -9.82
N THR D 22 16.42 4.97 -10.06
CA THR D 22 15.85 5.92 -11.01
C THR D 22 14.91 6.86 -10.25
N SER D 23 14.23 7.73 -11.00
CA SER D 23 13.23 8.59 -10.37
C SER D 23 12.08 7.78 -9.78
N LYS D 24 11.91 6.53 -10.20
CA LYS D 24 10.88 5.66 -9.64
C LYS D 24 11.34 4.92 -8.40
N GLY D 25 12.60 5.05 -8.01
CA GLY D 25 13.08 4.39 -6.80
C GLY D 25 14.21 3.40 -7.06
N GLU D 26 14.42 2.48 -6.11
CA GLU D 26 15.48 1.48 -6.21
C GLU D 26 14.96 0.21 -6.84
N PHE D 27 15.79 -0.40 -7.68
CA PHE D 27 15.53 -1.67 -8.33
C PHE D 27 16.78 -2.51 -8.25
N THR D 28 16.60 -3.83 -8.25
CA THR D 28 17.74 -4.70 -8.50
C THR D 28 18.05 -4.65 -10.00
N GLY D 29 19.33 -4.58 -10.33
CA GLY D 29 19.74 -4.56 -11.73
C GLY D 29 20.77 -5.65 -11.96
N LEU D 30 20.77 -6.17 -13.20
CA LEU D 30 21.67 -7.28 -13.50
C LEU D 30 22.56 -6.93 -14.67
N GLY D 31 23.87 -6.88 -14.44
CA GLY D 31 24.80 -6.75 -15.54
C GLY D 31 24.90 -8.05 -16.32
N ILE D 32 24.91 -7.91 -17.65
CA ILE D 32 24.94 -9.04 -18.56
C ILE D 32 26.33 -9.27 -19.13
N HIS D 33 26.94 -8.22 -19.67
CA HIS D 33 28.27 -8.29 -20.26
C HIS D 33 28.71 -6.85 -20.51
N ASP D 34 30.02 -6.66 -20.65
CA ASP D 34 30.55 -5.34 -20.98
C ASP D 34 29.99 -4.31 -20.01
N ARG D 35 29.33 -3.28 -20.54
CA ARG D 35 28.66 -2.27 -19.73
C ARG D 35 27.14 -2.30 -19.90
N VAL D 36 26.62 -3.47 -20.27
CA VAL D 36 25.20 -3.67 -20.57
C VAL D 36 24.55 -4.34 -19.38
N CYS D 37 23.43 -3.79 -18.91
CA CYS D 37 22.67 -4.40 -17.83
C CYS D 37 21.19 -4.32 -18.17
N VAL D 38 20.38 -4.99 -17.35
CA VAL D 38 18.93 -4.98 -17.54
C VAL D 38 18.28 -4.51 -16.25
N ILE D 39 17.12 -3.88 -16.43
CA ILE D 39 16.29 -3.35 -15.35
C ILE D 39 14.83 -3.51 -15.76
N PRO D 40 13.88 -3.62 -14.82
CA PRO D 40 12.47 -3.65 -15.24
C PRO D 40 12.12 -2.36 -15.98
N THR D 41 11.36 -2.51 -17.07
CA THR D 41 11.01 -1.35 -17.88
C THR D 41 10.25 -0.30 -17.07
N HIS D 42 9.44 -0.73 -16.10
CA HIS D 42 8.71 0.28 -15.34
C HIS D 42 9.61 1.08 -14.40
N ALA D 43 10.90 0.75 -14.29
CA ALA D 43 11.83 1.66 -13.60
C ALA D 43 12.01 2.98 -14.33
N GLN D 44 11.68 3.03 -15.63
CA GLN D 44 11.76 4.24 -16.46
C GLN D 44 13.06 5.01 -16.24
N PRO D 45 14.22 4.39 -16.47
CA PRO D 45 15.48 5.11 -16.28
C PRO D 45 15.56 6.32 -17.20
N GLY D 46 16.18 7.39 -16.70
CA GLY D 46 16.37 8.60 -17.48
C GLY D 46 17.75 8.68 -18.10
N ASP D 47 18.28 9.90 -18.19
CA ASP D 47 19.59 10.09 -18.80
C ASP D 47 20.72 9.66 -17.87
N ASP D 48 20.45 9.53 -16.58
CA ASP D 48 21.41 8.97 -15.65
C ASP D 48 20.65 8.19 -14.59
N VAL D 49 21.38 7.29 -13.94
CA VAL D 49 20.84 6.47 -12.84
C VAL D 49 21.87 6.49 -11.73
N LEU D 50 21.50 5.97 -10.57
CA LEU D 50 22.48 5.62 -9.56
C LEU D 50 22.76 4.13 -9.65
N VAL D 51 24.03 3.77 -9.63
CA VAL D 51 24.47 2.37 -9.51
C VAL D 51 25.13 2.26 -8.14
N ASN D 52 24.52 1.51 -7.24
CA ASN D 52 25.02 1.37 -5.87
C ASN D 52 25.30 2.75 -5.26
N GLY D 53 24.39 3.69 -5.50
CA GLY D 53 24.50 5.00 -4.93
C GLY D 53 25.27 6.02 -5.76
N GLN D 54 26.01 5.60 -6.79
CA GLN D 54 26.85 6.52 -7.56
C GLN D 54 26.18 6.90 -8.88
N LYS D 55 26.14 8.20 -9.17
CA LYS D 55 25.51 8.65 -10.41
C LYS D 55 26.32 8.19 -11.63
N ILE D 56 25.61 7.67 -12.62
CA ILE D 56 26.18 7.07 -13.82
C ILE D 56 25.36 7.54 -15.01
N ARG D 57 26.03 8.08 -16.03
CA ARG D 57 25.32 8.49 -17.24
C ARG D 57 24.89 7.26 -18.03
N VAL D 58 23.67 7.31 -18.57
CA VAL D 58 23.14 6.23 -19.38
C VAL D 58 23.55 6.50 -20.83
N LYS D 59 24.43 5.66 -21.37
CA LYS D 59 24.85 5.85 -22.75
C LYS D 59 23.71 5.52 -23.71
N ASP D 60 22.99 4.44 -23.42
CA ASP D 60 21.87 4.09 -24.31
C ASP D 60 20.88 3.26 -23.53
N LYS D 61 19.66 3.19 -24.05
CA LYS D 61 18.66 2.38 -23.39
C LYS D 61 17.63 1.99 -24.42
N TYR D 62 17.11 0.78 -24.28
CA TYR D 62 15.99 0.45 -25.17
C TYR D 62 15.11 -0.60 -24.52
N LYS D 63 13.81 -0.46 -24.79
CA LYS D 63 12.79 -1.31 -24.19
C LYS D 63 12.57 -2.52 -25.08
N LEU D 64 12.54 -3.70 -24.47
CA LEU D 64 12.32 -4.91 -25.23
C LEU D 64 10.82 -5.13 -25.41
N VAL D 65 10.41 -5.37 -26.66
CA VAL D 65 9.05 -5.78 -26.99
C VAL D 65 9.18 -6.96 -27.95
N ASP D 66 8.10 -7.74 -28.06
CA ASP D 66 8.20 -8.95 -28.87
C ASP D 66 7.79 -8.63 -30.32
N PRO D 67 7.85 -9.59 -31.25
CA PRO D 67 7.52 -9.27 -32.64
C PRO D 67 6.10 -8.77 -32.87
N GLU D 68 5.17 -9.01 -31.94
CA GLU D 68 3.82 -8.47 -32.03
C GLU D 68 3.67 -7.15 -31.30
N ASN D 69 4.78 -6.49 -30.97
CA ASN D 69 4.82 -5.20 -30.29
C ASN D 69 4.27 -5.28 -28.86
N ILE D 70 4.31 -6.45 -28.25
CA ILE D 70 3.87 -6.61 -26.86
C ILE D 70 5.07 -6.44 -25.93
N ASN D 71 4.85 -5.68 -24.86
CA ASN D 71 5.84 -5.44 -23.81
C ASN D 71 6.48 -6.73 -23.33
N LEU D 72 7.79 -6.73 -23.18
CA LEU D 72 8.50 -7.79 -22.47
C LEU D 72 9.01 -7.35 -21.10
N GLU D 73 8.89 -6.06 -20.75
CA GLU D 73 9.16 -5.51 -19.42
C GLU D 73 10.63 -5.52 -19.06
N LEU D 74 11.51 -5.69 -20.04
CA LEU D 74 12.95 -5.55 -19.83
C LEU D 74 13.43 -4.31 -20.57
N THR D 75 14.25 -3.50 -19.90
CA THR D 75 14.94 -2.40 -20.53
C THR D 75 16.43 -2.68 -20.43
N VAL D 76 17.11 -2.61 -21.57
CA VAL D 76 18.54 -2.86 -21.65
C VAL D 76 19.24 -1.51 -21.62
N LEU D 77 20.08 -1.31 -20.61
CA LEU D 77 20.83 -0.08 -20.42
C LEU D 77 22.30 -0.33 -20.76
N THR D 78 22.90 0.61 -21.49
CA THR D 78 24.33 0.66 -21.66
C THR D 78 24.83 1.85 -20.86
N LEU D 79 25.71 1.57 -19.90
CA LEU D 79 26.12 2.52 -18.88
C LEU D 79 27.48 3.12 -19.18
N ASP D 80 27.60 4.44 -18.96
CA ASP D 80 28.88 5.12 -19.00
C ASP D 80 29.57 4.88 -17.65
N ARG D 81 29.97 3.63 -17.46
CA ARG D 81 30.53 3.17 -16.20
C ARG D 81 31.87 2.53 -16.50
N ASN D 82 32.87 2.81 -15.66
CA ASN D 82 34.21 2.35 -15.97
C ASN D 82 34.33 0.84 -15.80
N GLU D 83 33.82 0.34 -14.68
CA GLU D 83 33.87 -1.09 -14.39
C GLU D 83 33.03 -1.87 -15.39
N LYS D 84 33.58 -2.99 -15.87
CA LYS D 84 32.88 -3.91 -16.77
C LYS D 84 32.24 -5.05 -15.99
N PHE D 85 31.10 -5.52 -16.49
CA PHE D 85 30.44 -6.68 -15.89
C PHE D 85 31.14 -7.97 -16.33
N ARG D 86 31.13 -8.94 -15.44
CA ARG D 86 31.44 -10.32 -15.81
C ARG D 86 30.41 -10.83 -16.82
N ASP D 87 30.90 -11.51 -17.84
CA ASP D 87 30.03 -11.99 -18.93
C ASP D 87 29.24 -13.20 -18.45
N ILE D 88 27.92 -13.04 -18.29
CA ILE D 88 27.07 -14.15 -17.87
C ILE D 88 26.11 -14.58 -18.98
N ARG D 89 26.34 -14.14 -20.21
CA ARG D 89 25.45 -14.51 -21.31
C ARG D 89 25.34 -16.02 -21.47
N GLY D 90 26.45 -16.74 -21.26
CA GLY D 90 26.45 -18.19 -21.43
C GLY D 90 25.62 -18.94 -20.40
N PHE D 91 25.23 -18.29 -19.32
CA PHE D 91 24.42 -18.92 -18.29
C PHE D 91 22.93 -18.68 -18.47
N ILE D 92 22.52 -17.81 -19.39
CA ILE D 92 21.10 -17.56 -19.59
C ILE D 92 20.45 -18.85 -20.08
N SER D 93 19.33 -19.23 -19.47
CA SER D 93 18.75 -20.52 -19.75
C SER D 93 17.24 -20.41 -19.91
N GLU D 94 16.70 -21.11 -20.90
CA GLU D 94 15.26 -21.25 -21.03
C GLU D 94 14.78 -22.59 -20.50
N ASP D 95 15.67 -23.40 -19.93
CA ASP D 95 15.32 -24.72 -19.40
C ASP D 95 14.86 -24.55 -17.96
N LEU D 96 13.63 -24.07 -17.81
CA LEU D 96 13.14 -23.63 -16.51
C LEU D 96 11.94 -24.41 -16.02
N GLU D 97 11.27 -25.16 -16.89
CA GLU D 97 10.00 -25.76 -16.51
C GLU D 97 10.17 -26.71 -15.32
N GLY D 98 9.48 -26.39 -14.22
CA GLY D 98 9.53 -27.20 -13.02
C GLY D 98 10.81 -27.13 -12.23
N VAL D 99 11.74 -26.22 -12.59
CA VAL D 99 12.99 -26.09 -11.85
C VAL D 99 12.71 -25.34 -10.55
N ASP D 100 13.33 -25.80 -9.46
CA ASP D 100 13.26 -25.13 -8.17
C ASP D 100 14.17 -23.91 -8.21
N ALA D 101 13.58 -22.72 -8.27
CA ALA D 101 14.33 -21.51 -8.55
C ALA D 101 14.49 -20.63 -7.31
N THR D 102 15.39 -19.67 -7.47
CA THR D 102 15.80 -18.70 -6.47
C THR D 102 15.65 -17.30 -7.06
N LEU D 103 15.24 -16.35 -6.24
CA LEU D 103 15.33 -14.92 -6.56
C LEU D 103 16.45 -14.30 -5.73
N VAL D 104 17.37 -13.63 -6.40
CA VAL D 104 18.46 -12.92 -5.73
C VAL D 104 18.15 -11.43 -5.83
N VAL D 105 17.94 -10.79 -4.68
CA VAL D 105 17.43 -9.43 -4.61
C VAL D 105 18.46 -8.55 -3.94
N HIS D 106 18.61 -7.32 -4.44
CA HIS D 106 19.53 -6.37 -3.83
C HIS D 106 18.99 -4.96 -4.01
N SER D 107 17.90 -4.64 -3.31
CA SER D 107 17.29 -3.32 -3.44
C SER D 107 16.36 -3.05 -2.26
N ASN D 108 16.18 -1.76 -1.95
CA ASN D 108 15.20 -1.30 -0.95
C ASN D 108 15.47 -2.05 0.35
N ASN D 109 14.46 -2.64 0.98
CA ASN D 109 14.63 -3.35 2.24
C ASN D 109 14.93 -4.82 2.05
N PHE D 110 15.34 -5.22 0.84
CA PHE D 110 15.81 -6.60 0.58
C PHE D 110 17.14 -6.54 -0.19
N THR D 111 18.19 -6.16 0.53
CA THR D 111 19.56 -6.28 0.05
C THR D 111 20.12 -7.62 0.48
N ASN D 112 21.10 -8.12 -0.29
CA ASN D 112 21.73 -9.41 0.00
C ASN D 112 20.71 -10.52 0.27
N THR D 113 19.62 -10.53 -0.50
CA THR D 113 18.47 -11.35 -0.16
C THR D 113 18.32 -12.51 -1.12
N ILE D 114 18.07 -13.70 -0.58
CA ILE D 114 17.89 -14.92 -1.35
C ILE D 114 16.53 -15.48 -1.01
N LEU D 115 15.70 -15.71 -2.02
CA LEU D 115 14.35 -16.24 -1.84
C LEU D 115 14.22 -17.54 -2.61
N GLU D 116 13.76 -18.59 -1.94
CA GLU D 116 13.61 -19.88 -2.60
C GLU D 116 12.16 -19.97 -3.07
N VAL D 117 11.93 -19.59 -4.33
CA VAL D 117 10.56 -19.38 -4.79
C VAL D 117 9.88 -20.67 -5.28
N GLY D 118 10.61 -21.78 -5.37
CA GLY D 118 10.03 -23.04 -5.77
C GLY D 118 9.99 -23.23 -7.27
N PRO D 119 9.17 -24.18 -7.72
CA PRO D 119 9.11 -24.47 -9.16
C PRO D 119 8.56 -23.30 -9.96
N VAL D 120 9.10 -23.12 -11.15
CA VAL D 120 8.69 -22.02 -12.02
C VAL D 120 8.17 -22.59 -13.32
N THR D 121 7.31 -21.81 -13.97
CA THR D 121 6.75 -22.22 -15.25
C THR D 121 6.49 -20.97 -16.09
N MET D 122 6.45 -21.17 -17.41
CA MET D 122 6.14 -20.07 -18.32
C MET D 122 4.64 -19.82 -18.26
N ALA D 123 4.25 -18.64 -17.78
CA ALA D 123 2.84 -18.29 -17.77
C ALA D 123 2.40 -17.66 -19.08
N GLY D 124 3.33 -17.04 -19.81
CA GLY D 124 2.98 -16.42 -21.09
C GLY D 124 2.57 -14.96 -20.92
N LEU D 125 1.37 -14.62 -21.37
CA LEU D 125 0.90 -13.24 -21.36
C LEU D 125 0.17 -12.93 -20.05
N ILE D 126 0.56 -11.85 -19.40
CA ILE D 126 -0.05 -11.42 -18.15
C ILE D 126 -0.38 -9.94 -18.28
N ASN D 127 -1.47 -9.54 -17.63
CA ASN D 127 -1.78 -8.13 -17.49
C ASN D 127 -0.93 -7.58 -16.34
N LEU D 128 0.17 -6.90 -16.66
CA LEU D 128 1.11 -6.41 -15.65
C LEU D 128 0.91 -4.92 -15.46
N SER D 129 0.26 -4.55 -14.35
CA SER D 129 -0.09 -3.16 -14.07
C SER D 129 -0.67 -2.48 -15.31
N SER D 130 -1.64 -3.16 -15.93
CA SER D 130 -2.44 -2.69 -17.07
C SER D 130 -1.64 -2.63 -18.36
N THR D 131 -0.46 -3.23 -18.40
CA THR D 131 0.27 -3.40 -19.65
C THR D 131 0.35 -4.89 -19.98
N PRO D 132 -0.27 -5.34 -21.07
CA PRO D 132 -0.09 -6.73 -21.47
C PRO D 132 1.40 -7.01 -21.70
N THR D 133 1.88 -8.09 -21.10
CA THR D 133 3.31 -8.38 -21.07
C THR D 133 3.51 -9.86 -21.34
N ASN D 134 4.39 -10.19 -22.27
CA ASN D 134 4.55 -11.56 -22.73
C ASN D 134 5.79 -12.18 -22.11
N ARG D 135 5.93 -13.50 -22.32
CA ARG D 135 7.09 -14.29 -21.88
C ARG D 135 7.29 -14.20 -20.37
N MET D 136 6.19 -14.18 -19.63
CA MET D 136 6.24 -14.14 -18.16
C MET D 136 6.43 -15.54 -17.59
N ILE D 137 7.29 -15.59 -16.59
CA ILE D 137 7.58 -16.77 -15.82
C ILE D 137 6.97 -16.60 -14.43
N ARG D 138 6.22 -17.58 -13.97
CA ARG D 138 5.53 -17.53 -12.69
C ARG D 138 6.06 -18.45 -11.60
N TYR D 139 5.90 -17.98 -10.38
CA TYR D 139 6.23 -18.71 -9.18
C TYR D 139 5.17 -18.43 -8.09
N ASP D 140 4.92 -19.43 -7.26
CA ASP D 140 3.98 -19.29 -6.17
C ASP D 140 4.79 -18.92 -4.94
N TYR D 141 4.92 -17.65 -4.70
CA TYR D 141 5.75 -17.15 -3.61
C TYR D 141 5.37 -15.71 -3.33
N ALA D 142 5.45 -15.31 -2.06
CA ALA D 142 5.12 -13.94 -1.66
C ALA D 142 6.29 -13.01 -2.00
N THR D 143 6.09 -12.12 -2.96
CA THR D 143 7.09 -11.12 -3.30
C THR D 143 6.63 -9.75 -2.80
N LYS D 144 7.56 -8.80 -2.79
CA LYS D 144 7.36 -7.54 -2.11
C LYS D 144 7.69 -6.36 -3.03
N THR D 145 7.06 -5.21 -2.74
CA THR D 145 7.28 -4.02 -3.54
C THR D 145 8.77 -3.67 -3.68
N GLY D 146 9.58 -3.92 -2.65
CA GLY D 146 10.97 -3.49 -2.81
C GLY D 146 11.88 -4.37 -3.66
N GLN D 147 11.37 -5.47 -4.22
CA GLN D 147 12.20 -6.52 -4.81
C GLN D 147 12.25 -6.49 -6.33
N CYS D 148 11.63 -5.49 -6.97
CA CYS D 148 11.60 -5.46 -8.42
C CYS D 148 13.01 -5.48 -9.00
N GLY D 149 13.21 -6.29 -10.04
CA GLY D 149 14.51 -6.49 -10.63
C GLY D 149 15.24 -7.73 -10.14
N GLY D 150 14.72 -8.40 -9.12
CA GLY D 150 15.36 -9.58 -8.56
C GLY D 150 15.69 -10.61 -9.62
N VAL D 151 16.85 -11.26 -9.50
CA VAL D 151 17.34 -12.17 -10.54
C VAL D 151 16.83 -13.58 -10.27
N LEU D 152 16.05 -14.11 -11.20
CA LEU D 152 15.51 -15.47 -11.13
C LEU D 152 16.52 -16.42 -11.73
N CYS D 153 16.92 -17.42 -10.95
CA CYS D 153 18.08 -18.23 -11.29
C CYS D 153 18.04 -19.57 -10.56
N ALA D 154 18.99 -20.42 -10.95
CA ALA D 154 19.32 -21.66 -10.26
C ALA D 154 20.79 -21.90 -10.54
N THR D 155 21.37 -22.92 -9.92
CA THR D 155 22.80 -23.14 -10.06
C THR D 155 23.20 -23.20 -11.53
N GLY D 156 24.05 -22.25 -11.93
CA GLY D 156 24.52 -22.16 -13.30
C GLY D 156 23.49 -21.76 -14.33
N LYS D 157 22.33 -21.24 -13.91
CA LYS D 157 21.27 -20.86 -14.84
C LYS D 157 20.68 -19.52 -14.43
N ILE D 158 20.51 -18.63 -15.40
CA ILE D 158 19.85 -17.35 -15.20
C ILE D 158 18.61 -17.35 -16.07
N PHE D 159 17.44 -17.27 -15.43
CA PHE D 159 16.17 -17.40 -16.14
C PHE D 159 15.52 -16.07 -16.45
N GLY D 160 15.63 -15.10 -15.55
CA GLY D 160 14.84 -13.90 -15.78
C GLY D 160 14.96 -12.88 -14.67
N ILE D 161 14.09 -11.88 -14.72
CA ILE D 161 14.12 -10.73 -13.83
C ILE D 161 12.73 -10.51 -13.25
N HIS D 162 12.64 -10.42 -11.93
CA HIS D 162 11.35 -10.22 -11.26
C HIS D 162 10.79 -8.84 -11.58
N VAL D 163 9.54 -8.78 -12.07
CA VAL D 163 8.95 -7.52 -12.50
C VAL D 163 7.58 -7.27 -11.90
N GLY D 164 7.01 -8.17 -11.13
CA GLY D 164 5.70 -7.89 -10.56
C GLY D 164 5.16 -9.09 -9.82
N GLY D 165 4.07 -8.83 -9.11
CA GLY D 165 3.43 -9.89 -8.35
C GLY D 165 2.28 -9.33 -7.54
N ASN D 166 1.59 -10.22 -6.84
CA ASN D 166 0.39 -9.83 -6.09
C ASN D 166 0.39 -10.34 -4.65
N GLY D 167 1.51 -10.81 -4.14
CA GLY D 167 1.58 -11.36 -2.79
C GLY D 167 1.34 -12.86 -2.71
N ARG D 168 0.75 -13.46 -3.74
CA ARG D 168 0.65 -14.91 -3.84
C ARG D 168 1.47 -15.48 -4.98
N GLN D 169 1.52 -14.77 -6.10
CA GLN D 169 2.31 -15.21 -7.24
C GLN D 169 3.19 -14.06 -7.71
N GLY D 170 4.40 -14.42 -8.12
CA GLY D 170 5.31 -13.41 -8.67
C GLY D 170 5.66 -13.78 -10.08
N PHE D 171 6.14 -12.80 -10.85
CA PHE D 171 6.37 -12.95 -12.29
C PHE D 171 7.70 -12.32 -12.67
N SER D 172 8.47 -13.05 -13.47
CA SER D 172 9.72 -12.57 -14.04
C SER D 172 9.60 -12.45 -15.55
N ALA D 173 10.21 -11.41 -16.09
CA ALA D 173 10.45 -11.34 -17.52
C ALA D 173 11.57 -12.31 -17.88
N GLN D 174 11.31 -13.14 -18.88
CA GLN D 174 12.30 -14.12 -19.32
C GLN D 174 13.52 -13.43 -19.91
N LEU D 175 14.70 -13.95 -19.57
CA LEU D 175 15.94 -13.55 -20.24
C LEU D 175 16.28 -14.56 -21.32
N LYS D 176 16.73 -14.08 -22.48
CA LYS D 176 17.16 -14.94 -23.57
C LYS D 176 18.50 -14.45 -24.10
N LYS D 177 19.36 -15.40 -24.50
CA LYS D 177 20.64 -15.02 -25.08
C LYS D 177 20.45 -14.14 -26.31
N GLN D 178 19.40 -14.38 -27.08
CA GLN D 178 19.21 -13.62 -28.32
C GLN D 178 18.85 -12.16 -28.07
N TYR D 179 18.61 -11.76 -26.83
CA TYR D 179 18.42 -10.35 -26.54
C TYR D 179 19.73 -9.56 -26.54
N PHE D 180 20.87 -10.23 -26.58
CA PHE D 180 22.15 -9.60 -26.35
C PHE D 180 23.11 -9.96 -27.48
N VAL D 181 24.17 -9.15 -27.59
CA VAL D 181 25.22 -9.45 -28.55
C VAL D 181 25.63 -10.91 -28.39
N GLU D 182 25.82 -11.60 -29.51
CA GLU D 182 26.26 -12.98 -29.52
C GLU D 182 27.61 -13.10 -28.82
N LYS D 183 27.78 -14.20 -28.08
CA LYS D 183 29.00 -14.60 -27.35
C LYS D 183 28.83 -14.35 -25.87
N GLN E 5 16.01 -34.99 14.17
CA GLN E 5 17.34 -35.05 13.60
C GLN E 5 18.10 -33.76 13.87
N VAL E 6 17.46 -32.65 13.51
CA VAL E 6 18.02 -31.32 13.74
C VAL E 6 17.87 -30.99 15.21
N GLN E 7 18.97 -30.60 15.84
CA GLN E 7 18.99 -30.35 17.27
C GLN E 7 19.81 -29.10 17.56
N LEU E 8 19.31 -28.26 18.46
CA LEU E 8 20.08 -27.16 19.04
C LEU E 8 20.09 -27.41 20.54
N LEU E 9 21.18 -27.97 21.05
CA LEU E 9 21.28 -28.37 22.45
C LEU E 9 21.96 -27.28 23.26
N GLN E 10 21.21 -26.64 24.16
CA GLN E 10 21.69 -25.46 24.88
C GLN E 10 22.23 -25.82 26.26
N SER E 11 23.15 -25.01 26.75
CA SER E 11 23.64 -25.11 28.12
C SER E 11 24.18 -23.76 28.59
N GLY E 12 24.44 -23.67 29.89
CA GLY E 12 25.16 -22.55 30.47
C GLY E 12 24.44 -21.46 31.27
N GLY E 13 23.20 -21.69 31.70
CA GLY E 13 22.42 -20.70 32.42
C GLY E 13 22.44 -20.89 33.92
N GLY E 14 21.42 -20.35 34.57
CA GLY E 14 21.24 -20.48 36.01
C GLY E 14 21.05 -19.14 36.68
N VAL E 15 21.24 -19.13 37.99
CA VAL E 15 21.12 -17.92 38.79
C VAL E 15 22.46 -17.21 38.77
N VAL E 16 22.43 -15.89 38.61
CA VAL E 16 23.65 -15.09 38.57
C VAL E 16 23.40 -13.78 39.30
N GLN E 17 24.45 -13.28 39.94
CA GLN E 17 24.34 -12.02 40.66
C GLN E 17 24.48 -10.84 39.71
N PRO E 18 23.75 -9.75 39.93
CA PRO E 18 23.87 -8.59 39.04
C PRO E 18 25.31 -8.10 38.97
N GLY E 19 25.66 -7.57 37.79
CA GLY E 19 27.02 -7.14 37.50
C GLY E 19 27.97 -8.24 37.07
N ARG E 20 27.61 -9.51 37.27
CA ARG E 20 28.50 -10.61 36.92
C ARG E 20 28.18 -11.10 35.50
N SER E 21 28.88 -12.14 35.07
CA SER E 21 28.87 -12.64 33.70
C SER E 21 28.41 -14.10 33.64
N LEU E 22 27.94 -14.50 32.46
CA LEU E 22 27.50 -15.86 32.18
C LEU E 22 27.67 -16.11 30.68
N ARG E 23 28.10 -17.31 30.30
CA ARG E 23 28.17 -17.65 28.89
C ARG E 23 27.13 -18.73 28.58
N LEU E 24 26.28 -18.47 27.59
CA LEU E 24 25.37 -19.49 27.06
C LEU E 24 26.03 -20.12 25.84
N SER E 25 25.80 -21.42 25.67
CA SER E 25 26.32 -22.10 24.50
C SER E 25 25.24 -22.99 23.91
N CYS E 26 25.44 -23.33 22.65
CA CYS E 26 24.52 -24.21 21.94
C CYS E 26 25.34 -25.10 21.02
N ALA E 27 25.09 -26.40 21.07
CA ALA E 27 25.71 -27.36 20.17
C ALA E 27 24.68 -27.74 19.11
N ALA E 28 25.00 -27.47 17.85
CA ALA E 28 24.11 -27.71 16.73
C ALA E 28 24.42 -29.04 16.07
N SER E 29 23.39 -29.79 15.71
CA SER E 29 23.63 -31.06 15.04
C SER E 29 22.48 -31.36 14.10
N GLY E 30 22.74 -32.22 13.11
CA GLY E 30 21.73 -32.63 12.16
C GLY E 30 21.56 -31.74 10.96
N PHE E 31 22.44 -30.74 10.79
CA PHE E 31 22.40 -29.86 9.63
C PHE E 31 23.79 -29.23 9.47
N THR E 32 23.98 -28.56 8.33
CA THR E 32 25.26 -27.92 8.02
C THR E 32 25.30 -26.57 8.71
N PHE E 33 25.80 -26.58 9.95
CA PHE E 33 25.74 -25.40 10.81
C PHE E 33 26.34 -24.17 10.14
N SER E 34 27.45 -24.35 9.44
CA SER E 34 28.18 -23.23 8.85
C SER E 34 27.40 -22.53 7.75
N SER E 35 26.26 -23.07 7.32
CA SER E 35 25.46 -22.48 6.25
C SER E 35 24.33 -21.58 6.75
N TYR E 36 24.14 -21.44 8.06
CA TYR E 36 22.96 -20.76 8.59
C TYR E 36 23.34 -19.62 9.51
N ALA E 37 22.64 -18.49 9.35
CA ALA E 37 22.67 -17.48 10.40
C ALA E 37 21.96 -18.01 11.63
N MET E 38 22.35 -17.48 12.79
CA MET E 38 21.76 -17.90 14.06
C MET E 38 21.37 -16.68 14.88
N HIS E 39 20.28 -16.79 15.63
CA HIS E 39 19.84 -15.72 16.53
C HIS E 39 19.75 -16.22 17.97
N TRP E 40 19.87 -15.28 18.90
CA TRP E 40 19.42 -15.46 20.27
C TRP E 40 18.18 -14.58 20.46
N VAL E 41 17.17 -15.18 21.12
CA VAL E 41 15.88 -14.58 21.40
C VAL E 41 15.54 -14.89 22.84
N ARG E 42 14.99 -13.93 23.58
CA ARG E 42 14.74 -14.22 24.99
C ARG E 42 13.28 -13.92 25.34
N GLN E 43 12.87 -14.44 26.51
CA GLN E 43 11.49 -14.35 26.94
C GLN E 43 11.47 -14.17 28.45
N ALA E 44 11.18 -12.96 28.90
CA ALA E 44 11.10 -12.70 30.33
C ALA E 44 9.83 -13.35 30.90
N PRO E 45 9.81 -13.64 32.20
CA PRO E 45 8.73 -14.47 32.77
C PRO E 45 7.35 -13.93 32.47
N GLY E 46 6.53 -14.77 31.80
CA GLY E 46 5.20 -14.32 31.44
C GLY E 46 5.17 -13.15 30.46
N LYS E 47 6.29 -12.86 29.78
CA LYS E 47 6.36 -11.79 28.79
C LYS E 47 6.55 -12.46 27.43
N GLY E 48 6.68 -11.68 26.36
CA GLY E 48 6.74 -12.21 25.01
C GLY E 48 8.16 -12.43 24.52
N LEU E 49 8.27 -12.96 23.31
CA LEU E 49 9.57 -13.16 22.67
C LEU E 49 10.23 -11.83 22.31
N GLU E 50 11.53 -11.72 22.58
CA GLU E 50 12.28 -10.50 22.30
C GLU E 50 13.61 -10.86 21.64
N TRP E 51 13.84 -10.29 20.46
CA TRP E 51 15.10 -10.51 19.74
C TRP E 51 16.27 -9.95 20.53
N VAL E 52 17.38 -10.71 20.61
CA VAL E 52 18.56 -10.31 21.37
C VAL E 52 19.76 -10.06 20.47
N ALA E 53 20.10 -11.02 19.60
CA ALA E 53 21.30 -10.84 18.80
C ALA E 53 21.28 -11.79 17.60
N VAL E 54 22.08 -11.45 16.60
CA VAL E 54 22.21 -12.26 15.39
C VAL E 54 23.69 -12.37 15.01
N ILE E 55 24.04 -13.51 14.43
CA ILE E 55 25.35 -13.69 13.80
C ILE E 55 25.15 -14.33 12.42
N SER E 56 25.82 -13.79 11.41
CA SER E 56 25.64 -14.29 10.06
C SER E 56 26.34 -15.65 9.93
N TYR E 57 26.08 -16.31 8.80
CA TYR E 57 26.47 -17.72 8.64
C TYR E 57 27.96 -17.93 8.82
N ASP E 58 28.79 -17.01 8.32
CA ASP E 58 30.25 -17.17 8.42
C ASP E 58 30.82 -16.42 9.61
N GLY E 59 29.95 -15.85 10.45
CA GLY E 59 30.38 -15.14 11.64
C GLY E 59 30.91 -13.74 11.39
N SER E 60 30.87 -13.26 10.15
CA SER E 60 31.46 -11.96 9.84
C SER E 60 30.59 -10.78 10.27
N ASN E 61 29.28 -10.95 10.38
CA ASN E 61 28.37 -9.86 10.72
C ASN E 61 27.60 -10.21 11.99
N LYS E 62 27.51 -9.25 12.92
CA LYS E 62 26.80 -9.44 14.18
C LYS E 62 25.99 -8.19 14.50
N TYR E 63 24.77 -8.38 15.00
CA TYR E 63 23.97 -7.24 15.46
C TYR E 63 23.33 -7.55 16.80
N TYR E 64 23.04 -6.50 17.58
CA TYR E 64 22.56 -6.63 18.95
C TYR E 64 21.37 -5.72 19.20
N ALA E 65 20.46 -6.18 20.06
CA ALA E 65 19.41 -5.30 20.55
C ALA E 65 20.02 -4.17 21.37
N ASP E 66 19.40 -2.99 21.28
CA ASP E 66 19.90 -1.82 21.98
C ASP E 66 20.07 -2.09 23.47
N SER E 67 19.18 -2.88 24.05
CA SER E 67 19.21 -3.16 25.48
C SER E 67 20.44 -3.94 25.93
N VAL E 68 21.13 -4.62 25.01
CA VAL E 68 22.28 -5.46 25.38
C VAL E 68 23.56 -5.02 24.71
N LYS E 69 23.51 -4.06 23.79
CA LYS E 69 24.71 -3.60 23.10
C LYS E 69 25.74 -3.11 24.11
N GLY E 70 26.99 -3.48 23.88
CA GLY E 70 28.07 -3.14 24.78
C GLY E 70 28.19 -4.05 25.97
N ARG E 71 27.28 -5.01 26.13
CA ARG E 71 27.32 -5.95 27.24
C ARG E 71 27.37 -7.40 26.78
N PHE E 72 26.61 -7.76 25.75
CA PHE E 72 26.57 -9.11 25.22
C PHE E 72 27.49 -9.23 24.00
N THR E 73 28.04 -10.43 23.80
CA THR E 73 28.74 -10.74 22.55
C THR E 73 28.27 -12.09 22.04
N ILE E 74 27.98 -12.15 20.74
CA ILE E 74 27.57 -13.38 20.09
C ILE E 74 28.76 -13.87 19.27
N SER E 75 28.94 -15.19 19.23
CA SER E 75 30.05 -15.74 18.46
C SER E 75 29.69 -17.17 18.08
N ARG E 76 30.47 -17.72 17.16
CA ARG E 76 30.21 -19.09 16.71
C ARG E 76 31.53 -19.72 16.29
N ASP E 77 31.53 -21.05 16.30
CA ASP E 77 32.67 -21.86 15.85
C ASP E 77 32.10 -22.83 14.82
N ASN E 78 32.38 -22.54 13.54
CA ASN E 78 31.81 -23.33 12.46
C ASN E 78 32.50 -24.67 12.28
N SER E 79 33.64 -24.90 12.95
CA SER E 79 34.20 -26.24 12.94
C SER E 79 33.64 -27.12 14.05
N LYS E 80 33.26 -26.51 15.18
CA LYS E 80 32.74 -27.26 16.32
C LYS E 80 31.23 -27.19 16.42
N ASN E 81 30.56 -26.61 15.42
CA ASN E 81 29.10 -26.52 15.39
C ASN E 81 28.57 -25.86 16.67
N THR E 82 29.24 -24.80 17.13
CA THR E 82 28.81 -24.21 18.39
C THR E 82 28.47 -22.72 18.23
N LEU E 83 27.48 -22.30 19.02
CA LEU E 83 27.01 -20.91 19.08
C LEU E 83 27.13 -20.43 20.53
N TYR E 84 27.54 -19.18 20.73
CA TYR E 84 27.75 -18.65 22.07
C TYR E 84 27.12 -17.28 22.23
N LEU E 85 26.67 -17.01 23.46
CA LEU E 85 26.30 -15.66 23.90
C LEU E 85 27.00 -15.38 25.22
N GLN E 86 28.01 -14.50 25.20
CA GLN E 86 28.67 -14.03 26.40
C GLN E 86 27.89 -12.86 26.95
N MET E 87 27.36 -13.00 28.16
CA MET E 87 26.55 -11.96 28.80
C MET E 87 27.32 -11.36 29.96
N ASN E 88 27.65 -10.07 29.85
CA ASN E 88 28.41 -9.36 30.88
C ASN E 88 27.53 -8.31 31.52
N SER E 89 27.96 -7.84 32.70
CA SER E 89 27.26 -6.77 33.43
C SER E 89 25.77 -7.04 33.50
N LEU E 90 25.41 -8.22 33.97
CA LEU E 90 24.03 -8.65 33.95
C LEU E 90 23.16 -7.76 34.83
N ARG E 91 21.93 -7.54 34.40
CA ARG E 91 20.97 -6.70 35.10
C ARG E 91 19.68 -7.48 35.34
N ALA E 92 18.87 -6.97 36.27
CA ALA E 92 17.62 -7.63 36.58
C ALA E 92 16.76 -7.82 35.34
N GLU E 93 16.77 -6.83 34.43
CA GLU E 93 15.94 -6.92 33.24
C GLU E 93 16.45 -7.95 32.24
N ASP E 94 17.62 -8.54 32.45
CA ASP E 94 18.09 -9.65 31.62
C ASP E 94 17.50 -10.99 32.03
N THR E 95 16.79 -11.06 33.14
CA THR E 95 16.17 -12.31 33.56
C THR E 95 15.21 -12.78 32.48
N ALA E 96 15.40 -14.02 32.00
CA ALA E 96 14.60 -14.53 30.90
C ALA E 96 15.00 -15.97 30.60
N VAL E 97 14.15 -16.65 29.83
CA VAL E 97 14.56 -17.86 29.14
C VAL E 97 15.17 -17.42 27.81
N TYR E 98 16.37 -17.93 27.52
CA TYR E 98 17.12 -17.58 26.31
C TYR E 98 17.07 -18.75 25.36
N TYR E 99 16.60 -18.53 24.14
CA TYR E 99 16.56 -19.51 23.07
C TYR E 99 17.58 -19.15 22.00
N CYS E 100 18.22 -20.16 21.43
CA CYS E 100 18.91 -19.93 20.17
C CYS E 100 18.09 -20.52 19.05
N ALA E 101 18.25 -19.97 17.84
CA ALA E 101 17.39 -20.38 16.75
C ALA E 101 18.09 -20.25 15.41
N ARG E 102 17.76 -21.16 14.50
CA ARG E 102 18.34 -21.21 13.16
C ARG E 102 17.48 -20.44 12.18
N VAL E 103 18.13 -19.71 11.27
CA VAL E 103 17.43 -18.97 10.22
C VAL E 103 17.11 -19.89 9.06
N GLY E 104 15.84 -19.96 8.69
CA GLY E 104 15.42 -20.88 7.65
C GLY E 104 15.85 -20.42 6.27
N LYS E 105 15.98 -21.40 5.36
CA LYS E 105 16.50 -21.14 4.02
C LYS E 105 15.43 -20.73 3.01
N GLY E 106 14.15 -20.66 3.41
CA GLY E 106 13.11 -20.30 2.45
C GLY E 106 13.19 -18.87 1.94
N GLY E 107 13.87 -17.99 2.67
CA GLY E 107 14.01 -16.60 2.26
C GLY E 107 14.73 -15.85 3.36
N TYR E 108 15.83 -15.17 3.02
CA TYR E 108 16.70 -14.62 4.07
C TYR E 108 17.62 -13.58 3.48
N ASP E 109 18.24 -12.80 4.36
CA ASP E 109 19.32 -11.86 4.05
C ASP E 109 20.59 -12.49 4.60
N PHE E 110 21.47 -12.95 3.70
CA PHE E 110 22.65 -13.69 4.16
C PHE E 110 23.69 -12.78 4.80
N TRP E 111 23.60 -11.47 4.58
CA TRP E 111 24.57 -10.53 5.13
C TRP E 111 24.21 -10.13 6.55
N SER E 112 22.98 -9.69 6.76
CA SER E 112 22.50 -9.27 8.08
C SER E 112 22.03 -10.43 8.94
N GLY E 113 21.78 -11.61 8.35
CA GLY E 113 21.20 -12.70 9.11
C GLY E 113 19.70 -12.60 9.34
N SER E 114 19.04 -11.57 8.82
CA SER E 114 17.61 -11.46 9.01
C SER E 114 16.86 -12.56 8.26
N GLY E 115 15.74 -12.97 8.82
CA GLY E 115 14.97 -14.08 8.27
C GLY E 115 13.99 -14.56 9.33
N TYR E 116 13.41 -15.73 9.09
CA TYR E 116 12.54 -16.40 10.05
C TYR E 116 13.31 -17.56 10.67
N MET E 117 12.79 -18.08 11.78
CA MET E 117 13.56 -19.00 12.61
C MET E 117 12.85 -20.36 12.61
N ASP E 118 13.47 -21.37 11.96
CA ASP E 118 12.73 -22.60 11.75
C ASP E 118 13.10 -23.73 12.72
N VAL E 119 14.15 -23.58 13.51
CA VAL E 119 14.54 -24.55 14.54
C VAL E 119 14.92 -23.76 15.77
N TRP E 120 14.37 -24.16 16.92
CA TRP E 120 14.58 -23.49 18.20
C TRP E 120 15.19 -24.46 19.20
N GLY E 121 16.14 -23.98 20.00
CA GLY E 121 16.58 -24.75 21.15
C GLY E 121 15.51 -24.80 22.23
N LYS E 122 15.73 -25.67 23.22
CA LYS E 122 14.78 -25.83 24.32
C LYS E 122 14.76 -24.63 25.26
N GLY E 123 15.81 -23.83 25.29
CA GLY E 123 15.77 -22.65 26.13
C GLY E 123 16.55 -22.85 27.42
N THR E 124 17.21 -21.79 27.86
CA THR E 124 18.08 -21.80 29.03
C THR E 124 17.64 -20.67 29.93
N THR E 125 17.31 -20.98 31.18
CA THR E 125 16.81 -19.95 32.08
C THR E 125 17.98 -19.20 32.72
N VAL E 126 17.94 -17.88 32.65
CA VAL E 126 18.91 -17.01 33.29
C VAL E 126 18.15 -16.15 34.28
N THR E 127 18.49 -16.25 35.55
CA THR E 127 17.82 -15.48 36.60
C THR E 127 18.84 -14.58 37.28
N VAL E 128 18.66 -13.28 37.13
CA VAL E 128 19.53 -12.32 37.80
C VAL E 128 18.92 -11.98 39.15
N SER E 129 19.69 -12.20 40.21
CA SER E 129 19.20 -12.15 41.58
C SER E 129 19.16 -10.69 42.07
N SER E 130 18.29 -9.91 41.43
CA SER E 130 18.22 -8.48 41.74
C SER E 130 16.80 -7.98 41.58
N GLY E 131 16.47 -6.99 42.40
CA GLY E 131 15.18 -6.31 42.31
C GLY E 131 15.28 -5.00 41.57
N SER F 1 12.72 0.11 17.44
CA SER F 1 11.60 1.02 17.66
C SER F 1 10.42 0.69 16.74
N TYR F 2 10.63 -0.29 15.86
CA TYR F 2 9.54 -0.80 15.02
C TYR F 2 8.69 -1.74 15.88
N VAL F 3 7.40 -1.45 15.98
CA VAL F 3 6.51 -2.13 16.91
C VAL F 3 5.51 -2.97 16.12
N LEU F 4 5.34 -4.22 16.52
CA LEU F 4 4.31 -5.10 15.98
C LEU F 4 3.26 -5.36 17.05
N THR F 5 2.00 -5.13 16.72
CA THR F 5 0.90 -5.20 17.67
C THR F 5 0.05 -6.43 17.40
N GLN F 6 -0.30 -7.17 18.45
CA GLN F 6 -1.22 -8.29 18.35
C GLN F 6 -2.33 -8.13 19.38
N PRO F 7 -3.52 -8.65 19.09
CA PRO F 7 -4.56 -8.68 20.13
C PRO F 7 -4.15 -9.62 21.25
N PRO F 8 -4.51 -9.31 22.49
CA PRO F 8 -4.01 -10.13 23.61
C PRO F 8 -4.54 -11.56 23.62
N SER F 9 -5.78 -11.78 23.20
CA SER F 9 -6.34 -13.13 23.33
C SER F 9 -7.41 -13.36 22.27
N VAL F 10 -7.50 -14.61 21.85
CA VAL F 10 -8.55 -15.12 20.99
C VAL F 10 -9.02 -16.43 21.58
N SER F 11 -10.34 -16.67 21.58
CA SER F 11 -10.86 -17.94 22.05
C SER F 11 -11.92 -18.45 21.07
N VAL F 12 -11.85 -19.74 20.72
CA VAL F 12 -12.88 -20.38 19.89
C VAL F 12 -13.11 -21.80 20.36
N SER F 13 -14.28 -22.34 20.00
CA SER F 13 -14.53 -23.76 20.28
C SER F 13 -14.01 -24.62 19.13
N PRO F 14 -13.76 -25.91 19.38
CA PRO F 14 -13.22 -26.77 18.33
C PRO F 14 -14.10 -26.78 17.09
N GLY F 15 -13.44 -26.73 15.93
CA GLY F 15 -14.13 -26.69 14.66
C GLY F 15 -14.41 -25.31 14.13
N GLN F 16 -14.33 -24.28 14.97
CA GLN F 16 -14.50 -22.91 14.51
C GLN F 16 -13.22 -22.40 13.85
N THR F 17 -13.35 -21.30 13.14
CA THR F 17 -12.19 -20.65 12.56
C THR F 17 -11.66 -19.59 13.52
N ALA F 18 -10.37 -19.65 13.82
CA ALA F 18 -9.72 -18.64 14.64
C ALA F 18 -8.90 -17.74 13.75
N SER F 19 -8.93 -16.44 14.03
CA SER F 19 -8.21 -15.45 13.24
C SER F 19 -7.37 -14.62 14.20
N ILE F 20 -6.05 -14.66 14.01
CA ILE F 20 -5.09 -13.95 14.85
C ILE F 20 -4.31 -12.99 13.97
N THR F 21 -4.30 -11.71 14.33
CA THR F 21 -3.63 -10.74 13.48
C THR F 21 -2.43 -10.12 14.17
N CYS F 22 -1.57 -9.52 13.34
CA CYS F 22 -0.44 -8.72 13.78
C CYS F 22 -0.34 -7.52 12.85
N SER F 23 -0.12 -6.34 13.40
CA SER F 23 -0.06 -5.13 12.59
C SER F 23 1.20 -4.32 12.91
N GLY F 24 1.75 -3.71 11.87
CA GLY F 24 2.81 -2.73 12.03
C GLY F 24 2.93 -1.93 10.75
N ASP F 25 3.62 -0.79 10.85
CA ASP F 25 3.76 0.08 9.68
C ASP F 25 4.40 -0.66 8.51
N LYS F 26 3.68 -0.69 7.39
CA LYS F 26 4.11 -1.34 6.14
C LYS F 26 4.57 -2.79 6.38
N LEU F 27 3.86 -3.49 7.26
CA LEU F 27 4.18 -4.91 7.48
C LEU F 27 4.05 -5.71 6.19
N GLY F 28 3.13 -5.32 5.30
CA GLY F 28 2.95 -5.99 4.03
C GLY F 28 4.14 -5.89 3.08
N ASP F 29 5.06 -4.96 3.35
CA ASP F 29 6.31 -4.84 2.60
C ASP F 29 7.44 -5.65 3.22
N LYS F 30 7.20 -6.31 4.34
CA LYS F 30 8.13 -7.21 4.98
C LYS F 30 7.56 -8.62 4.93
N TYR F 31 8.33 -9.59 5.41
CA TYR F 31 7.84 -10.96 5.52
C TYR F 31 7.32 -11.22 6.92
N ALA F 32 6.18 -11.90 7.01
CA ALA F 32 5.59 -12.30 8.28
C ALA F 32 5.70 -13.81 8.47
N CYS F 33 6.05 -14.23 9.68
CA CYS F 33 5.99 -15.63 10.03
C CYS F 33 5.33 -15.76 11.39
N TRP F 34 4.93 -16.98 11.69
CA TRP F 34 4.14 -17.27 12.88
C TRP F 34 4.71 -18.47 13.60
N TYR F 35 4.75 -18.34 14.94
CA TYR F 35 5.22 -19.35 15.87
C TYR F 35 4.11 -19.70 16.85
N GLN F 36 4.02 -20.99 17.16
CA GLN F 36 3.16 -21.52 18.20
C GLN F 36 4.00 -21.87 19.42
N GLN F 37 3.57 -21.46 20.61
CA GLN F 37 4.30 -21.78 21.84
C GLN F 37 3.34 -22.30 22.89
N LYS F 38 3.52 -23.54 23.27
CA LYS F 38 2.74 -24.14 24.35
C LYS F 38 3.46 -23.98 25.68
N PRO F 39 2.74 -24.02 26.80
CA PRO F 39 3.39 -23.77 28.10
C PRO F 39 4.61 -24.67 28.32
N GLY F 40 5.71 -24.04 28.73
CA GLY F 40 6.94 -24.74 29.03
C GLY F 40 7.67 -25.32 27.84
N GLN F 41 7.33 -24.89 26.63
CA GLN F 41 7.98 -25.39 25.42
C GLN F 41 8.55 -24.23 24.63
N SER F 42 9.45 -24.57 23.71
CA SER F 42 10.02 -23.63 22.77
C SER F 42 9.02 -23.29 21.68
N PRO F 43 9.16 -22.12 21.04
CA PRO F 43 8.33 -21.81 19.87
C PRO F 43 8.53 -22.83 18.76
N VAL F 44 7.46 -23.02 17.98
CA VAL F 44 7.45 -23.88 16.81
C VAL F 44 6.95 -23.06 15.62
N LEU F 45 7.72 -23.06 14.53
CA LEU F 45 7.32 -22.32 13.34
C LEU F 45 6.10 -22.98 12.69
N VAL F 46 5.03 -22.21 12.47
CA VAL F 46 3.86 -22.78 11.80
C VAL F 46 3.59 -22.14 10.44
N ILE F 47 4.01 -20.89 10.25
CA ILE F 47 3.87 -20.25 8.94
C ILE F 47 5.12 -19.44 8.67
N TYR F 48 5.64 -19.49 7.44
CA TYR F 48 6.80 -18.65 7.12
C TYR F 48 6.62 -17.99 5.75
N GLN F 49 7.33 -16.89 5.54
CA GLN F 49 7.26 -16.11 4.30
C GLN F 49 5.80 -15.83 3.92
N ASP F 50 5.07 -15.27 4.89
CA ASP F 50 3.67 -14.88 4.79
C ASP F 50 2.71 -16.06 4.85
N SER F 51 2.95 -17.11 4.07
CA SER F 51 1.89 -18.09 3.80
C SER F 51 2.38 -19.53 3.65
N LYS F 52 3.67 -19.82 3.76
CA LYS F 52 4.16 -21.17 3.56
C LYS F 52 4.06 -21.96 4.86
N ARG F 53 3.70 -23.25 4.75
CA ARG F 53 3.61 -24.15 5.90
C ARG F 53 4.80 -25.09 5.91
N PRO F 54 5.55 -25.18 7.00
CA PRO F 54 6.58 -26.22 7.10
C PRO F 54 5.95 -27.60 7.01
N SER F 55 6.73 -28.57 6.55
CA SER F 55 6.22 -29.93 6.54
C SER F 55 5.90 -30.34 7.97
N GLY F 56 4.82 -31.09 8.13
CA GLY F 56 4.37 -31.50 9.44
C GLY F 56 3.39 -30.56 10.10
N ILE F 57 3.21 -29.36 9.58
CA ILE F 57 2.23 -28.43 10.15
C ILE F 57 0.89 -28.69 9.47
N PRO F 58 -0.19 -28.86 10.25
CA PRO F 58 -1.49 -29.20 9.68
C PRO F 58 -1.97 -28.15 8.69
N GLU F 59 -2.67 -28.62 7.66
CA GLU F 59 -3.14 -27.75 6.59
C GLU F 59 -4.18 -26.74 7.07
N ARG F 60 -4.75 -26.92 8.27
CA ARG F 60 -5.69 -25.93 8.79
C ARG F 60 -5.03 -24.60 9.13
N PHE F 61 -3.70 -24.53 9.22
CA PHE F 61 -3.01 -23.25 9.42
C PHE F 61 -2.75 -22.59 8.09
N SER F 62 -3.13 -21.32 7.97
CA SER F 62 -2.79 -20.56 6.76
C SER F 62 -2.41 -19.14 7.17
N GLY F 63 -1.70 -18.45 6.30
CA GLY F 63 -1.25 -17.11 6.60
C GLY F 63 -1.41 -16.18 5.42
N SER F 64 -1.57 -14.90 5.74
CA SER F 64 -1.59 -13.85 4.71
C SER F 64 -0.94 -12.60 5.28
N ASN F 65 -0.60 -11.68 4.39
CA ASN F 65 0.08 -10.46 4.81
C ASN F 65 -0.16 -9.42 3.74
N SER F 66 -0.79 -8.31 4.12
CA SER F 66 -1.15 -7.26 3.18
C SER F 66 -1.31 -5.96 3.93
N GLY F 67 -0.94 -4.85 3.29
CA GLY F 67 -1.13 -3.55 3.89
C GLY F 67 -0.29 -3.44 5.14
N ASN F 68 -0.95 -3.27 6.29
CA ASN F 68 -0.24 -3.21 7.57
C ASN F 68 -0.50 -4.42 8.44
N THR F 69 -1.09 -5.49 7.91
CA THR F 69 -1.57 -6.57 8.77
C THR F 69 -1.28 -7.95 8.17
N ALA F 70 -0.69 -8.81 9.01
CA ALA F 70 -0.55 -10.23 8.74
C ALA F 70 -1.58 -10.99 9.57
N THR F 71 -2.09 -12.08 8.99
CA THR F 71 -3.16 -12.84 9.62
C THR F 71 -2.83 -14.31 9.59
N LEU F 72 -2.91 -14.93 10.75
CA LEU F 72 -2.85 -16.37 10.91
C LEU F 72 -4.29 -16.86 11.07
N THR F 73 -4.70 -17.75 10.17
CA THR F 73 -6.05 -18.30 10.22
C THR F 73 -5.95 -19.78 10.53
N ILE F 74 -6.74 -20.25 11.49
CA ILE F 74 -6.85 -21.67 11.78
C ILE F 74 -8.27 -22.08 11.39
N SER F 75 -8.39 -22.85 10.30
CA SER F 75 -9.69 -23.20 9.73
C SER F 75 -10.13 -24.54 10.29
N GLY F 76 -10.93 -24.53 11.35
CA GLY F 76 -11.32 -25.75 12.01
C GLY F 76 -10.40 -26.02 13.17
N THR F 77 -10.46 -25.13 14.16
CA THR F 77 -9.48 -25.15 15.25
C THR F 77 -9.62 -26.41 16.08
N GLN F 78 -8.47 -26.98 16.46
CA GLN F 78 -8.45 -28.21 17.24
C GLN F 78 -8.00 -27.91 18.66
N ALA F 79 -8.39 -28.79 19.59
CA ALA F 79 -8.05 -28.57 20.99
C ALA F 79 -6.54 -28.42 21.19
N MET F 80 -5.73 -29.19 20.46
CA MET F 80 -4.27 -29.10 20.59
C MET F 80 -3.70 -27.80 20.06
N ASP F 81 -4.50 -26.95 19.42
CA ASP F 81 -3.98 -25.68 18.92
C ASP F 81 -3.93 -24.61 20.01
N GLU F 82 -4.47 -24.88 21.19
CA GLU F 82 -4.39 -23.92 22.29
C GLU F 82 -2.92 -23.67 22.62
N ALA F 83 -2.53 -22.39 22.57
CA ALA F 83 -1.12 -22.01 22.66
C ALA F 83 -1.06 -20.49 22.56
N ASP F 84 0.12 -19.93 22.80
CA ASP F 84 0.38 -18.54 22.45
C ASP F 84 0.94 -18.51 21.04
N TYR F 85 0.53 -17.52 20.25
CA TYR F 85 1.01 -17.35 18.89
C TYR F 85 1.72 -16.02 18.74
N TYR F 86 2.92 -16.05 18.16
CA TYR F 86 3.72 -14.85 17.96
C TYR F 86 3.95 -14.67 16.47
N CYS F 87 3.68 -13.46 15.99
CA CYS F 87 4.11 -13.06 14.67
C CYS F 87 5.51 -12.46 14.75
N GLN F 88 6.28 -12.65 13.68
CA GLN F 88 7.59 -12.02 13.58
C GLN F 88 7.75 -11.47 12.17
N ALA F 89 8.26 -10.25 12.07
CA ALA F 89 8.55 -9.63 10.79
C ALA F 89 10.05 -9.70 10.50
N TRP F 90 10.39 -9.82 9.21
CA TRP F 90 11.78 -9.60 8.81
C TRP F 90 11.87 -8.89 7.46
N ASP F 91 12.88 -8.05 7.38
CA ASP F 91 13.49 -7.62 6.11
C ASP F 91 14.97 -7.42 6.40
N SER F 92 15.72 -6.87 5.44
CA SER F 92 17.17 -6.79 5.60
C SER F 92 17.56 -6.15 6.93
N SER F 93 16.80 -5.15 7.36
CA SER F 93 17.11 -4.36 8.54
C SER F 93 16.23 -4.71 9.73
N THR F 94 15.39 -5.74 9.65
CA THR F 94 14.35 -5.91 10.66
C THR F 94 14.23 -7.36 11.07
N VAL F 95 14.31 -7.61 12.38
CA VAL F 95 13.83 -8.85 12.99
C VAL F 95 13.08 -8.42 14.25
N VAL F 96 11.75 -8.56 14.23
CA VAL F 96 10.95 -8.03 15.34
C VAL F 96 9.79 -8.97 15.62
N PHE F 97 9.55 -9.29 16.89
CA PHE F 97 8.44 -10.12 17.31
C PHE F 97 7.27 -9.26 17.79
N GLY F 98 6.06 -9.66 17.40
CA GLY F 98 4.87 -9.09 18.00
C GLY F 98 4.70 -9.56 19.43
N GLY F 99 3.77 -8.93 20.14
CA GLY F 99 3.61 -9.17 21.57
C GLY F 99 2.96 -10.49 21.93
N GLY F 100 2.40 -11.19 20.95
CA GLY F 100 1.82 -12.49 21.22
C GLY F 100 0.32 -12.42 21.44
N THR F 101 -0.35 -13.52 21.09
CA THR F 101 -1.79 -13.67 21.29
C THR F 101 -2.04 -15.01 21.95
N LYS F 102 -2.78 -15.02 23.06
CA LYS F 102 -3.14 -16.28 23.70
C LYS F 102 -4.38 -16.85 23.03
N LEU F 103 -4.26 -18.03 22.41
CA LEU F 103 -5.40 -18.73 21.84
C LEU F 103 -5.84 -19.82 22.82
N THR F 104 -7.08 -19.68 23.32
CA THR F 104 -7.71 -20.72 24.15
C THR F 104 -8.77 -21.42 23.31
N VAL F 105 -8.79 -22.75 23.38
CA VAL F 105 -9.77 -23.55 22.64
C VAL F 105 -10.70 -24.16 23.69
N LEU F 106 -11.97 -23.75 23.66
CA LEU F 106 -12.88 -24.16 24.73
C LEU F 106 -14.28 -24.44 24.19
N GLY F 107 -14.94 -25.44 24.79
CA GLY F 107 -16.36 -25.67 24.60
C GLY F 107 -16.95 -25.62 23.20
#